data_6LH9
#
_entry.id   6LH9
#
_cell.length_a   57.703
_cell.length_b   155.878
_cell.length_c   164.800
_cell.angle_alpha   90.000
_cell.angle_beta   90.000
_cell.angle_gamma   90.000
#
_symmetry.space_group_name_H-M   'P 21 21 21'
#
loop_
_entity.id
_entity.type
_entity.pdbx_description
1 polymer 'Bifunctional dihydrofolate reductase-thymidylate synthase'
2 non-polymer 'PHOSPHATE ION'
3 non-polymer 2-[[4,6-bis(azanyl)-2,2-dimethyl-1,3,5-triazin-1-yl]oxy]-N-(4-chlorophenyl)ethanamide
4 non-polymer 'NADPH DIHYDRO-NICOTINAMIDE-ADENINE-DINUCLEOTIDE PHOSPHATE'
5 water water
#
_entity_poly.entity_id   1
_entity_poly.type   'polypeptide(L)'
_entity_poly.pdbx_seq_one_letter_code
;MMEQVCDVFDIYAICACCKVESKNEGKKNEVFNNYTFRGLGNKGVLPWKCISLDMKYFRAVTTYVNESKYEKLKYKRCKY
LNKETVDNVNDMPNSKKLQNVVVMGRTNWESIPKKFKPLSNRINVILSRTLKKEDFDEDVYIINKVEDLIVLLGKLNYYK
CFILGGSVVYQEFLEKKLIKKIYFTRINSTYECDVFFPEINENEYQIISVSDVYTSNNTTLDFIIYKKTNNKMLNEQNCI
KGEEKNNDMPLKNDDKDTCHMKKLTEFYKNVDKYKINYENDDDDEEEDDFVYFNFNKEKEEKNKNSIHPNDFQIYNSLKY
KYHPEYQYLNIIYDIMMNGNKQSDRTGVGVLSKFGYIMKFDLSQYFPLLTTKKLFLRGIIEELLWFIRGETNGNTLLNKN
VRIWEANGTREFLDNRKLFHREVNDLGPIYGFQWRHFGAEYTNMYDNYENKGVDQLKNIINLIKNDPTSRRILLCAWNVK
DLDQMALPPCHILCQFYVFDGKLSCIMYQRSCDLGLGVPFNIASYSIFTHMIAQVCNLQPAQFIHVLGNAHVYNNHIDSL
KIQLNRIPYPFPTLKLNPDIKNIEDFTISDFTIQNYVHHEKISMDMAA
;
_entity_poly.pdbx_strand_id   A,B
#
loop_
_chem_comp.id
_chem_comp.type
_chem_comp.name
_chem_comp.formula
EA0 non-polymer 2-[[4,6-bis(azanyl)-2,2-dimethyl-1,3,5-triazin-1-yl]oxy]-N-(4-chlorophenyl)ethanamide 'C13 H17 Cl N6 O2'
NDP non-polymer 'NADPH DIHYDRO-NICOTINAMIDE-ADENINE-DINUCLEOTIDE PHOSPHATE' 'C21 H30 N7 O17 P3'
PO4 non-polymer 'PHOSPHATE ION' 'O4 P -3'
#
# COMPACT_ATOMS: atom_id res chain seq x y z
N GLN A 4 -5.20 -35.21 19.14
CA GLN A 4 -6.22 -36.00 19.91
C GLN A 4 -7.52 -36.12 19.08
N VAL A 5 -8.69 -35.86 19.68
CA VAL A 5 -10.04 -36.10 19.06
C VAL A 5 -10.52 -34.84 18.33
N CYS A 6 -10.03 -33.66 18.77
CA CYS A 6 -10.45 -32.30 18.29
C CYS A 6 -9.87 -32.06 16.88
N ASP A 7 -8.67 -32.60 16.60
CA ASP A 7 -7.93 -32.41 15.33
C ASP A 7 -8.53 -33.32 14.26
N VAL A 8 -9.01 -34.52 14.64
CA VAL A 8 -9.46 -35.59 13.69
C VAL A 8 -10.81 -35.19 13.10
N PHE A 9 -11.71 -34.78 13.99
CA PHE A 9 -13.14 -34.52 13.72
C PHE A 9 -13.38 -33.04 13.45
N ASP A 10 -12.35 -32.19 13.55
CA ASP A 10 -12.42 -30.74 13.25
C ASP A 10 -13.62 -30.14 13.98
N ILE A 11 -13.72 -30.33 15.28
CA ILE A 11 -14.80 -29.76 16.12
C ILE A 11 -14.43 -28.32 16.53
N TYR A 12 -15.04 -27.33 15.87
CA TYR A 12 -14.85 -25.87 16.11
C TYR A 12 -16.03 -25.34 16.91
N ALA A 13 -15.87 -24.22 17.62
CA ALA A 13 -16.98 -23.47 18.27
C ALA A 13 -17.12 -22.12 17.57
N ILE A 14 -18.36 -21.62 17.48
CA ILE A 14 -18.64 -20.27 16.92
C ILE A 14 -19.64 -19.61 17.85
N CYS A 15 -19.37 -18.36 18.23
CA CYS A 15 -20.18 -17.59 19.21
C CYS A 15 -20.14 -16.10 18.87
N ALA A 16 -20.98 -15.32 19.55
CA ALA A 16 -21.02 -13.85 19.46
C ALA A 16 -21.25 -13.36 20.89
N CYS A 17 -20.34 -12.54 21.43
CA CYS A 17 -20.43 -12.04 22.81
C CYS A 17 -20.42 -10.50 22.86
N CYS A 18 -21.34 -9.94 23.63
CA CYS A 18 -21.45 -8.51 23.94
C CYS A 18 -20.92 -8.24 25.35
N LYS A 19 -20.80 -6.97 25.71
CA LYS A 19 -20.41 -6.52 27.07
C LYS A 19 -21.66 -6.63 27.94
N VAL A 20 -21.47 -6.83 29.26
CA VAL A 20 -22.58 -7.13 30.22
C VAL A 20 -22.68 -5.99 31.25
N GLU A 21 -23.88 -5.82 31.84
CA GLU A 21 -24.22 -4.78 32.86
C GLU A 21 -23.24 -4.86 34.05
N SER A 22 -22.31 -3.91 34.17
CA SER A 22 -21.21 -3.91 35.17
C SER A 22 -20.39 -2.61 35.09
N ASN A 29 -13.61 4.66 35.11
CA ASN A 29 -12.29 4.12 35.57
C ASN A 29 -12.21 2.60 35.32
N GLU A 30 -12.92 2.09 34.29
CA GLU A 30 -13.15 0.63 34.03
C GLU A 30 -11.91 -0.01 33.40
N VAL A 31 -11.49 -1.19 33.90
CA VAL A 31 -10.46 -2.08 33.27
C VAL A 31 -11.14 -3.04 32.27
N PHE A 32 -10.45 -3.36 31.17
CA PHE A 32 -10.91 -4.26 30.10
C PHE A 32 -9.88 -5.38 29.86
N ASN A 33 -10.35 -6.62 29.84
CA ASN A 33 -9.66 -7.81 29.27
C ASN A 33 -10.60 -8.43 28.24
N ASN A 34 -10.24 -9.59 27.67
CA ASN A 34 -11.08 -10.31 26.67
C ASN A 34 -12.35 -10.80 27.35
N TYR A 35 -12.31 -11.10 28.65
CA TYR A 35 -13.50 -11.46 29.45
C TYR A 35 -14.52 -10.31 29.46
N THR A 36 -14.17 -9.12 28.97
CA THR A 36 -15.11 -7.99 28.79
C THR A 36 -16.30 -8.41 27.92
N PHE A 37 -16.02 -9.21 26.88
CA PHE A 37 -16.97 -9.70 25.85
C PHE A 37 -17.36 -11.13 26.23
N ARG A 38 -18.47 -11.30 26.94
CA ARG A 38 -18.84 -12.62 27.50
C ARG A 38 -20.34 -12.88 27.42
N GLY A 39 -21.17 -11.89 27.11
CA GLY A 39 -22.64 -12.02 27.16
C GLY A 39 -23.18 -12.72 25.94
N LEU A 40 -23.87 -13.86 26.13
CA LEU A 40 -24.26 -14.84 25.07
C LEU A 40 -25.74 -14.73 24.75
N GLY A 41 -26.58 -14.55 25.76
CA GLY A 41 -28.06 -14.51 25.58
C GLY A 41 -28.76 -13.97 26.80
N ASN A 42 -30.09 -13.89 26.72
CA ASN A 42 -30.97 -13.32 27.78
C ASN A 42 -32.39 -13.81 27.53
N LYS A 43 -33.07 -14.29 28.58
CA LYS A 43 -34.49 -14.74 28.57
C LYS A 43 -34.73 -15.66 27.36
N GLY A 44 -33.84 -16.65 27.19
CA GLY A 44 -33.99 -17.80 26.27
C GLY A 44 -33.54 -17.50 24.85
N VAL A 45 -33.29 -16.22 24.56
CA VAL A 45 -32.96 -15.66 23.22
C VAL A 45 -31.64 -14.85 23.32
N LEU A 46 -31.25 -14.17 22.22
CA LEU A 46 -30.02 -13.35 22.13
C LEU A 46 -30.24 -11.99 22.79
N PRO A 47 -29.19 -11.38 23.39
CA PRO A 47 -29.33 -10.10 24.10
C PRO A 47 -29.75 -8.91 23.22
N TRP A 48 -29.64 -9.05 21.91
CA TRP A 48 -29.76 -7.95 20.93
C TRP A 48 -30.81 -8.36 19.88
N LYS A 49 -31.44 -7.37 19.23
CA LYS A 49 -32.53 -7.54 18.22
C LYS A 49 -31.91 -8.22 16.98
N CYS A 50 -31.47 -7.51 15.94
CA CYS A 50 -30.67 -8.08 14.83
C CYS A 50 -29.31 -7.40 14.83
N ILE A 51 -28.25 -8.20 14.73
CA ILE A 51 -26.93 -7.75 14.21
C ILE A 51 -26.71 -8.55 12.92
N SER A 52 -27.20 -8.04 11.79
CA SER A 52 -27.28 -8.82 10.52
C SER A 52 -25.89 -9.26 10.07
N LEU A 53 -24.88 -8.40 10.18
CA LEU A 53 -23.51 -8.75 9.70
C LEU A 53 -23.00 -9.97 10.45
N ASP A 54 -23.14 -10.01 11.78
CA ASP A 54 -22.80 -11.23 12.55
C ASP A 54 -23.54 -12.44 11.99
N MET A 55 -24.86 -12.32 11.77
CA MET A 55 -25.73 -13.46 11.36
C MET A 55 -25.24 -14.01 10.03
N LYS A 56 -24.85 -13.11 9.13
CA LYS A 56 -24.36 -13.42 7.77
C LYS A 56 -23.00 -14.12 7.88
N TYR A 57 -22.08 -13.63 8.73
CA TYR A 57 -20.79 -14.30 9.06
C TYR A 57 -21.11 -15.71 9.55
N PHE A 58 -21.99 -15.82 10.54
CA PHE A 58 -22.45 -17.09 11.13
C PHE A 58 -22.82 -18.11 10.03
N ARG A 59 -23.59 -17.69 9.02
CA ARG A 59 -24.03 -18.57 7.91
C ARG A 59 -22.83 -18.92 7.02
N ALA A 60 -22.00 -17.94 6.73
CA ALA A 60 -20.93 -18.13 5.75
C ALA A 60 -20.00 -19.22 6.30
N VAL A 61 -19.67 -19.14 7.58
CA VAL A 61 -18.66 -20.03 8.22
C VAL A 61 -19.25 -21.44 8.42
N THR A 62 -20.49 -21.53 8.92
CA THR A 62 -21.12 -22.82 9.34
C THR A 62 -21.67 -23.56 8.12
N THR A 63 -21.70 -22.97 6.92
CA THR A 63 -22.20 -23.64 5.67
C THR A 63 -21.07 -23.78 4.64
N TYR A 64 -19.95 -23.04 4.76
CA TYR A 64 -18.81 -23.13 3.81
C TYR A 64 -18.15 -24.52 3.94
N VAL A 65 -18.02 -25.19 2.80
CA VAL A 65 -17.20 -26.42 2.62
C VAL A 65 -16.30 -26.15 1.43
N ASN A 66 -15.15 -26.83 1.40
CA ASN A 66 -14.27 -26.98 0.22
C ASN A 66 -14.33 -28.44 -0.22
N GLU A 67 -15.08 -28.71 -1.30
CA GLU A 67 -15.15 -30.06 -1.95
C GLU A 67 -13.77 -30.73 -1.87
N SER A 68 -12.79 -30.19 -2.59
CA SER A 68 -11.47 -30.84 -2.84
C SER A 68 -10.79 -31.23 -1.52
N LYS A 69 -11.01 -30.49 -0.43
CA LYS A 69 -10.26 -30.73 0.84
C LYS A 69 -10.82 -31.94 1.61
N TYR A 70 -12.10 -32.27 1.42
CA TYR A 70 -12.76 -33.37 2.17
C TYR A 70 -11.90 -34.64 2.01
N GLU A 71 -11.52 -35.00 0.78
CA GLU A 71 -10.80 -36.28 0.46
C GLU A 71 -9.77 -36.57 1.56
N LYS A 72 -8.90 -35.59 1.88
CA LYS A 72 -7.80 -35.75 2.86
C LYS A 72 -8.33 -35.83 4.30
N LEU A 73 -9.52 -35.30 4.56
CA LEU A 73 -10.19 -35.36 5.90
C LEU A 73 -10.90 -36.71 6.09
N LYS A 74 -11.52 -37.24 5.02
CA LYS A 74 -12.01 -38.64 4.97
C LYS A 74 -10.84 -39.54 5.39
N TYR A 75 -9.73 -39.48 4.64
CA TYR A 75 -8.53 -40.31 4.89
C TYR A 75 -8.16 -40.23 6.38
N LYS A 76 -7.85 -39.03 6.87
CA LYS A 76 -7.40 -38.76 8.27
C LYS A 76 -8.33 -39.48 9.26
N ARG A 77 -9.63 -39.21 9.16
CA ARG A 77 -10.68 -39.68 10.11
C ARG A 77 -10.87 -41.19 9.98
N CYS A 78 -10.93 -41.69 8.75
CA CYS A 78 -11.02 -43.14 8.44
C CYS A 78 -9.78 -43.85 9.04
N LYS A 79 -8.57 -43.28 8.87
CA LYS A 79 -7.32 -43.86 9.44
C LYS A 79 -7.42 -44.00 10.96
N TYR A 80 -7.84 -42.94 11.67
CA TYR A 80 -7.92 -42.92 13.17
C TYR A 80 -8.88 -44.00 13.69
N LEU A 81 -9.98 -44.25 12.98
CA LEU A 81 -11.04 -45.25 13.31
C LEU A 81 -10.63 -46.66 12.84
N ASN A 82 -9.59 -46.76 12.00
CA ASN A 82 -9.02 -48.00 11.39
C ASN A 82 -10.01 -48.54 10.34
N LYS A 83 -10.11 -47.85 9.18
CA LYS A 83 -11.22 -48.03 8.20
C LYS A 83 -10.82 -47.53 6.80
N LYS A 97 -24.86 -32.75 -1.84
CA LYS A 97 -23.70 -31.83 -1.63
C LYS A 97 -23.08 -32.04 -0.25
N LEU A 98 -21.78 -31.77 -0.11
CA LEU A 98 -21.05 -31.86 1.19
C LEU A 98 -21.54 -30.71 2.08
N GLN A 99 -21.82 -31.03 3.35
CA GLN A 99 -22.40 -30.11 4.33
C GLN A 99 -21.54 -30.18 5.60
N ASN A 100 -21.56 -29.11 6.40
CA ASN A 100 -20.98 -29.08 7.75
C ASN A 100 -22.01 -29.63 8.74
N VAL A 101 -21.55 -30.13 9.88
CA VAL A 101 -22.40 -30.49 11.05
C VAL A 101 -22.49 -29.24 11.93
N VAL A 102 -23.64 -29.01 12.56
CA VAL A 102 -23.82 -27.96 13.60
C VAL A 102 -24.54 -28.62 14.78
N VAL A 103 -23.96 -28.45 15.97
CA VAL A 103 -24.44 -29.06 17.23
C VAL A 103 -24.94 -27.93 18.13
N MET A 104 -26.12 -28.08 18.70
CA MET A 104 -26.68 -27.04 19.59
C MET A 104 -27.39 -27.69 20.78
N GLY A 105 -27.27 -27.06 21.94
CA GLY A 105 -28.11 -27.36 23.11
C GLY A 105 -29.57 -27.19 22.73
N ARG A 106 -30.45 -27.81 23.49
CA ARG A 106 -31.92 -27.77 23.29
C ARG A 106 -32.43 -26.32 23.46
N THR A 107 -31.98 -25.54 24.44
CA THR A 107 -32.43 -24.13 24.60
C THR A 107 -32.07 -23.36 23.32
N ASN A 108 -30.86 -23.56 22.83
CA ASN A 108 -30.37 -22.88 21.61
C ASN A 108 -31.36 -23.25 20.49
N TRP A 109 -31.69 -24.53 20.36
CA TRP A 109 -32.49 -25.02 19.19
C TRP A 109 -33.87 -24.36 19.24
N GLU A 110 -34.40 -24.21 20.45
CA GLU A 110 -35.77 -23.71 20.74
C GLU A 110 -35.82 -22.21 20.46
N SER A 111 -34.70 -21.52 20.61
CA SER A 111 -34.56 -20.07 20.32
C SER A 111 -34.69 -19.77 18.82
N ILE A 112 -34.56 -20.76 17.93
CA ILE A 112 -34.54 -20.50 16.46
C ILE A 112 -35.99 -20.35 16.01
N PRO A 113 -36.32 -19.39 15.15
CA PRO A 113 -37.66 -19.32 14.57
C PRO A 113 -37.94 -20.48 13.62
N LYS A 114 -39.20 -20.95 13.58
CA LYS A 114 -39.64 -22.10 12.75
C LYS A 114 -39.15 -21.93 11.32
N LYS A 115 -39.26 -20.72 10.77
CA LYS A 115 -38.97 -20.46 9.33
C LYS A 115 -37.52 -20.87 8.99
N PHE A 116 -36.61 -20.91 9.96
CA PHE A 116 -35.14 -21.17 9.79
C PHE A 116 -34.71 -22.51 10.40
N LYS A 117 -35.65 -23.36 10.85
CA LYS A 117 -35.44 -24.74 11.35
C LYS A 117 -35.80 -25.74 10.27
N PRO A 118 -34.96 -26.78 10.03
CA PRO A 118 -33.62 -26.87 10.60
C PRO A 118 -32.62 -25.92 9.89
N LEU A 119 -31.51 -25.59 10.55
CA LEU A 119 -30.51 -24.65 9.96
C LEU A 119 -30.15 -25.16 8.55
N SER A 120 -30.45 -24.34 7.53
CA SER A 120 -30.33 -24.63 6.09
C SER A 120 -28.93 -25.14 5.77
N ASN A 121 -28.82 -25.94 4.72
CA ASN A 121 -27.56 -26.28 4.03
C ASN A 121 -26.55 -26.83 5.05
N ARG A 122 -27.02 -27.41 6.16
CA ARG A 122 -26.17 -27.92 7.26
C ARG A 122 -26.78 -29.18 7.91
N ILE A 123 -25.95 -30.11 8.38
CA ILE A 123 -26.44 -31.27 9.19
C ILE A 123 -26.63 -30.82 10.65
N ASN A 124 -27.88 -30.61 11.05
CA ASN A 124 -28.24 -30.17 12.42
C ASN A 124 -28.12 -31.33 13.42
N VAL A 125 -27.44 -31.11 14.54
CA VAL A 125 -27.48 -32.07 15.69
C VAL A 125 -27.99 -31.32 16.91
N ILE A 126 -28.72 -31.98 17.81
CA ILE A 126 -29.19 -31.36 19.07
C ILE A 126 -28.79 -32.26 20.25
N LEU A 127 -28.08 -31.71 21.24
CA LEU A 127 -27.94 -32.29 22.61
C LEU A 127 -29.20 -32.02 23.46
N SER A 128 -29.71 -33.04 24.15
CA SER A 128 -30.91 -33.02 25.05
C SER A 128 -31.07 -34.35 25.80
N ARG A 129 -31.52 -34.28 27.07
CA ARG A 129 -31.99 -35.44 27.88
C ARG A 129 -33.52 -35.47 27.86
N THR A 130 -34.19 -34.33 28.00
CA THR A 130 -35.67 -34.29 28.15
C THR A 130 -36.35 -34.62 26.82
N LEU A 131 -35.67 -34.44 25.67
CA LEU A 131 -36.28 -34.65 24.33
C LEU A 131 -35.60 -35.84 23.63
N LYS A 132 -36.41 -36.58 22.86
CA LYS A 132 -35.97 -37.73 22.03
C LYS A 132 -36.51 -37.47 20.62
N LYS A 133 -36.09 -38.25 19.61
CA LYS A 133 -36.45 -38.04 18.17
C LYS A 133 -37.95 -37.77 18.04
N GLU A 134 -38.80 -38.54 18.73
CA GLU A 134 -40.29 -38.58 18.64
C GLU A 134 -40.90 -37.18 18.80
N ASP A 135 -40.23 -36.33 19.59
CA ASP A 135 -40.71 -34.95 19.89
C ASP A 135 -40.23 -33.94 18.84
N PHE A 136 -39.66 -34.36 17.70
CA PHE A 136 -39.22 -33.41 16.63
C PHE A 136 -39.77 -33.85 15.28
N ASP A 137 -40.39 -32.93 14.56
CA ASP A 137 -40.85 -33.14 13.16
C ASP A 137 -39.66 -33.16 12.20
N GLU A 138 -38.56 -32.48 12.53
CA GLU A 138 -37.60 -31.90 11.54
C GLU A 138 -36.46 -32.89 11.26
N ASP A 139 -35.72 -32.64 10.19
CA ASP A 139 -34.53 -33.44 9.82
C ASP A 139 -33.42 -33.08 10.81
N VAL A 140 -33.34 -33.77 11.94
CA VAL A 140 -32.30 -33.48 12.97
C VAL A 140 -31.85 -34.78 13.62
N TYR A 141 -30.58 -34.85 14.01
CA TYR A 141 -30.09 -35.94 14.89
C TYR A 141 -30.25 -35.47 16.33
N ILE A 142 -30.83 -36.29 17.21
CA ILE A 142 -30.81 -36.04 18.68
C ILE A 142 -29.73 -36.91 19.33
N ILE A 143 -29.06 -36.40 20.36
CA ILE A 143 -28.01 -37.13 21.15
C ILE A 143 -28.14 -36.71 22.61
N ASN A 144 -27.94 -37.64 23.54
CA ASN A 144 -28.03 -37.33 25.00
C ASN A 144 -26.63 -37.29 25.64
N LYS A 145 -25.57 -37.60 24.89
CA LYS A 145 -24.18 -37.70 25.42
C LYS A 145 -23.27 -36.95 24.46
N VAL A 146 -22.27 -36.27 25.00
CA VAL A 146 -21.16 -35.72 24.18
C VAL A 146 -20.58 -36.92 23.42
N GLU A 147 -20.38 -38.04 24.14
CA GLU A 147 -19.79 -39.28 23.57
C GLU A 147 -20.51 -39.56 22.25
N ASP A 148 -21.85 -39.73 22.30
CA ASP A 148 -22.75 -40.04 21.15
C ASP A 148 -22.44 -39.15 19.92
N LEU A 149 -22.08 -37.86 20.08
CA LEU A 149 -21.71 -36.98 18.94
C LEU A 149 -20.51 -37.54 18.18
N ILE A 150 -19.42 -37.86 18.89
CA ILE A 150 -18.13 -38.35 18.30
C ILE A 150 -18.41 -39.62 17.47
N VAL A 151 -19.17 -40.54 18.03
CA VAL A 151 -19.68 -41.74 17.31
C VAL A 151 -20.42 -41.26 16.06
N LEU A 152 -21.37 -40.31 16.22
CA LEU A 152 -22.22 -39.79 15.10
C LEU A 152 -21.33 -39.32 13.95
N LEU A 153 -20.27 -38.54 14.26
CA LEU A 153 -19.35 -37.92 13.28
C LEU A 153 -18.59 -39.02 12.54
N GLY A 154 -18.21 -40.05 13.30
CA GLY A 154 -17.57 -41.28 12.77
C GLY A 154 -18.39 -41.89 11.66
N LYS A 155 -19.72 -41.96 11.84
CA LYS A 155 -20.66 -42.63 10.90
C LYS A 155 -21.15 -41.65 9.82
N LEU A 156 -20.68 -40.40 9.81
CA LEU A 156 -21.23 -39.36 8.89
C LEU A 156 -20.14 -38.86 7.94
N ASN A 157 -20.54 -38.49 6.72
CA ASN A 157 -19.80 -37.56 5.82
C ASN A 157 -20.11 -36.09 6.16
N TYR A 158 -19.12 -35.37 6.69
CA TYR A 158 -19.21 -33.89 6.85
C TYR A 158 -17.82 -33.30 6.63
N TYR A 159 -17.78 -31.99 6.38
CA TYR A 159 -16.55 -31.19 6.20
C TYR A 159 -16.08 -30.74 7.59
N LYS A 160 -16.80 -29.82 8.24
CA LYS A 160 -16.38 -29.35 9.58
C LYS A 160 -17.57 -29.41 10.56
N CYS A 161 -17.32 -29.65 11.85
CA CYS A 161 -18.32 -29.72 12.93
C CYS A 161 -18.21 -28.48 13.84
N PHE A 162 -19.23 -27.63 13.85
CA PHE A 162 -19.28 -26.34 14.59
C PHE A 162 -20.25 -26.49 15.76
N ILE A 163 -19.82 -26.11 16.95
CA ILE A 163 -20.60 -26.17 18.22
C ILE A 163 -21.25 -24.80 18.40
N LEU A 164 -22.58 -24.72 18.33
CA LEU A 164 -23.30 -23.42 18.21
C LEU A 164 -23.60 -22.83 19.60
N GLY A 165 -23.35 -23.56 20.69
CA GLY A 165 -23.84 -23.18 22.04
C GLY A 165 -25.20 -23.81 22.35
N GLY A 166 -25.92 -23.33 23.37
CA GLY A 166 -25.58 -22.17 24.17
C GLY A 166 -24.56 -22.46 25.25
N SER A 167 -24.69 -21.80 26.41
CA SER A 167 -23.62 -21.67 27.42
C SER A 167 -23.17 -23.02 27.97
N VAL A 168 -24.12 -23.88 28.28
CA VAL A 168 -23.84 -25.24 28.84
C VAL A 168 -23.08 -26.08 27.79
N VAL A 169 -23.53 -26.13 26.54
CA VAL A 169 -22.86 -26.88 25.44
C VAL A 169 -21.44 -26.34 25.27
N TYR A 170 -21.26 -25.01 25.24
CA TYR A 170 -19.90 -24.40 25.11
C TYR A 170 -19.01 -24.89 26.25
N GLN A 171 -19.49 -24.79 27.49
CA GLN A 171 -18.70 -25.11 28.72
C GLN A 171 -18.15 -26.53 28.62
N GLU A 172 -18.98 -27.52 28.28
CA GLU A 172 -18.56 -28.95 28.34
C GLU A 172 -17.66 -29.31 27.14
N PHE A 173 -17.88 -28.78 25.94
CA PHE A 173 -16.98 -29.06 24.78
C PHE A 173 -15.58 -28.46 25.02
N LEU A 174 -15.49 -27.39 25.81
CA LEU A 174 -14.19 -26.77 26.22
C LEU A 174 -13.52 -27.64 27.28
N GLU A 175 -14.10 -27.75 28.47
CA GLU A 175 -13.70 -28.68 29.58
C GLU A 175 -13.16 -30.00 29.02
N LYS A 176 -13.80 -30.54 27.97
CA LYS A 176 -13.42 -31.85 27.36
C LYS A 176 -12.36 -31.65 26.26
N LYS A 177 -11.72 -30.49 26.20
CA LYS A 177 -10.53 -30.26 25.34
C LYS A 177 -10.86 -30.62 23.88
N LEU A 178 -12.08 -30.34 23.43
CA LEU A 178 -12.64 -30.84 22.13
C LEU A 178 -12.61 -29.77 21.01
N ILE A 179 -12.51 -28.48 21.34
CA ILE A 179 -12.54 -27.34 20.37
C ILE A 179 -11.13 -27.04 19.81
N LYS A 180 -10.98 -27.17 18.49
CA LYS A 180 -9.75 -26.81 17.74
C LYS A 180 -9.59 -25.28 17.68
N LYS A 181 -10.65 -24.55 17.36
CA LYS A 181 -10.66 -23.06 17.26
C LYS A 181 -12.03 -22.48 17.62
N ILE A 182 -12.04 -21.35 18.35
CA ILE A 182 -13.26 -20.55 18.68
C ILE A 182 -13.33 -19.34 17.75
N TYR A 183 -14.22 -19.37 16.77
CA TYR A 183 -14.65 -18.21 15.94
C TYR A 183 -15.54 -17.32 16.82
N PHE A 184 -15.06 -16.12 17.18
CA PHE A 184 -15.57 -15.33 18.33
C PHE A 184 -15.90 -13.91 17.85
N THR A 185 -17.19 -13.52 17.89
CA THR A 185 -17.63 -12.15 17.48
C THR A 185 -17.62 -11.29 18.73
N ARG A 186 -16.82 -10.23 18.72
CA ARG A 186 -16.88 -9.18 19.77
C ARG A 186 -17.93 -8.17 19.32
N ILE A 187 -19.11 -8.21 19.93
CA ILE A 187 -20.19 -7.21 19.76
C ILE A 187 -19.88 -6.09 20.75
N ASN A 188 -19.47 -4.92 20.26
CA ASN A 188 -18.92 -3.80 21.09
C ASN A 188 -20.07 -2.90 21.56
N SER A 189 -21.03 -3.51 22.26
CA SER A 189 -22.13 -2.83 22.97
C SER A 189 -22.55 -3.68 24.17
N THR A 190 -23.38 -3.09 25.03
CA THR A 190 -23.79 -3.67 26.32
C THR A 190 -25.28 -4.04 26.25
N TYR A 191 -25.67 -5.21 26.75
CA TYR A 191 -27.08 -5.66 26.82
C TYR A 191 -27.31 -6.45 28.12
N GLU A 192 -28.57 -6.47 28.56
CA GLU A 192 -29.00 -7.33 29.69
C GLU A 192 -28.77 -8.77 29.25
N CYS A 193 -28.07 -9.56 30.06
CA CYS A 193 -27.65 -10.96 29.77
C CYS A 193 -27.94 -11.83 31.00
N ASP A 194 -28.43 -13.06 30.81
CA ASP A 194 -28.63 -14.05 31.90
C ASP A 194 -27.69 -15.26 31.73
N VAL A 195 -27.03 -15.45 30.57
CA VAL A 195 -26.10 -16.58 30.29
C VAL A 195 -24.81 -16.01 29.69
N PHE A 196 -23.66 -16.63 29.96
CA PHE A 196 -22.33 -16.07 29.61
C PHE A 196 -21.45 -17.16 29.00
N PHE A 197 -20.52 -16.75 28.14
CA PHE A 197 -19.51 -17.64 27.51
C PHE A 197 -18.55 -17.99 28.64
N PRO A 198 -17.95 -19.19 28.64
CA PRO A 198 -16.93 -19.51 29.63
C PRO A 198 -15.69 -18.62 29.47
N GLU A 199 -15.10 -18.19 30.60
CA GLU A 199 -13.76 -17.56 30.68
C GLU A 199 -12.80 -18.52 29.99
N ILE A 200 -12.16 -18.09 28.90
CA ILE A 200 -11.22 -18.90 28.07
C ILE A 200 -9.84 -18.83 28.73
N ASN A 201 -9.26 -19.97 29.12
CA ASN A 201 -7.90 -20.05 29.69
C ASN A 201 -6.90 -19.65 28.59
N GLU A 202 -6.16 -18.54 28.78
CA GLU A 202 -5.23 -17.95 27.77
C GLU A 202 -4.02 -18.87 27.54
N ASN A 203 -3.83 -19.89 28.38
CA ASN A 203 -2.79 -20.93 28.22
C ASN A 203 -3.30 -21.98 27.24
N GLU A 204 -4.63 -22.12 27.18
CA GLU A 204 -5.31 -23.16 26.38
C GLU A 204 -5.53 -22.66 24.97
N TYR A 205 -6.03 -21.42 24.86
CA TYR A 205 -6.41 -20.75 23.59
C TYR A 205 -5.68 -19.41 23.48
N GLN A 206 -5.15 -19.13 22.29
CA GLN A 206 -4.50 -17.83 21.95
C GLN A 206 -5.17 -17.29 20.68
N ILE A 207 -5.41 -15.99 20.64
CA ILE A 207 -5.92 -15.30 19.42
C ILE A 207 -4.87 -15.39 18.33
N ILE A 208 -5.25 -15.75 17.11
CA ILE A 208 -4.32 -15.87 15.95
C ILE A 208 -4.80 -14.98 14.79
N SER A 209 -6.00 -14.40 14.87
CA SER A 209 -6.55 -13.59 13.76
C SER A 209 -7.49 -12.54 14.34
N VAL A 210 -7.53 -11.37 13.72
CA VAL A 210 -8.51 -10.30 14.07
C VAL A 210 -8.93 -9.62 12.77
N SER A 211 -10.25 -9.56 12.54
CA SER A 211 -10.86 -9.02 11.30
C SER A 211 -10.79 -7.49 11.29
N ASP A 212 -11.19 -6.93 10.16
CA ASP A 212 -11.63 -5.51 10.02
C ASP A 212 -12.70 -5.26 11.09
N VAL A 213 -12.89 -4.01 11.49
CA VAL A 213 -14.01 -3.55 12.36
C VAL A 213 -15.14 -3.08 11.44
N TYR A 214 -16.39 -3.23 11.88
CA TYR A 214 -17.58 -2.93 11.05
C TYR A 214 -18.71 -2.38 11.90
N THR A 215 -19.70 -1.79 11.24
CA THR A 215 -20.93 -1.27 11.85
C THR A 215 -22.12 -2.00 11.24
N SER A 216 -23.02 -2.45 12.09
CA SER A 216 -24.25 -3.17 11.77
C SER A 216 -25.25 -2.89 12.88
N ASN A 217 -26.43 -2.39 12.54
CA ASN A 217 -27.51 -2.17 13.54
C ASN A 217 -26.92 -1.35 14.69
N ASN A 218 -26.25 -0.25 14.36
CA ASN A 218 -25.84 0.79 15.35
C ASN A 218 -24.87 0.21 16.40
N THR A 219 -24.03 -0.75 16.01
CA THR A 219 -22.90 -1.24 16.85
C THR A 219 -21.69 -1.63 15.98
N THR A 220 -20.50 -1.31 16.50
CA THR A 220 -19.23 -1.85 15.99
C THR A 220 -19.13 -3.30 16.44
N LEU A 221 -18.37 -4.07 15.67
CA LEU A 221 -18.01 -5.46 15.98
C LEU A 221 -16.85 -5.83 15.10
N ASP A 222 -16.02 -6.76 15.54
CA ASP A 222 -15.05 -7.48 14.69
C ASP A 222 -15.23 -8.99 14.92
N PHE A 223 -14.36 -9.79 14.32
CA PHE A 223 -14.36 -11.26 14.36
C PHE A 223 -12.93 -11.71 14.61
N ILE A 224 -12.71 -12.52 15.64
CA ILE A 224 -11.38 -13.01 16.06
C ILE A 224 -11.45 -14.54 16.17
N ILE A 225 -10.37 -15.20 15.80
CA ILE A 225 -10.25 -16.66 15.80
C ILE A 225 -9.21 -16.98 16.86
N TYR A 226 -9.64 -17.54 18.00
CA TYR A 226 -8.80 -18.27 18.99
C TYR A 226 -8.38 -19.65 18.44
N LYS A 227 -7.10 -20.02 18.61
CA LYS A 227 -6.59 -21.39 18.31
C LYS A 227 -6.08 -22.02 19.62
N LYS A 228 -6.28 -23.33 19.76
CA LYS A 228 -5.74 -24.13 20.90
C LYS A 228 -4.23 -24.31 20.73
N THR A 229 -3.52 -24.48 21.86
CA THR A 229 -2.04 -24.66 21.94
C THR A 229 -1.71 -26.12 22.27
N ASN A 230 -0.54 -26.38 22.87
CA ASN A 230 -0.21 -27.65 23.59
C ASN A 230 0.77 -27.32 24.72
N ASN A 231 0.33 -26.44 25.64
CA ASN A 231 1.13 -25.80 26.72
C ASN A 231 1.90 -26.89 27.50
N ASP A 283 -0.81 -25.08 -9.54
CA ASP A 283 0.35 -24.91 -10.47
C ASP A 283 1.57 -24.45 -9.65
N ASP A 284 2.33 -25.39 -9.10
CA ASP A 284 3.49 -25.13 -8.19
C ASP A 284 4.75 -24.81 -9.01
N GLU A 285 4.65 -24.70 -10.35
CA GLU A 285 5.73 -24.27 -11.28
C GLU A 285 6.04 -22.78 -11.06
N GLU A 286 4.99 -21.97 -10.87
CA GLU A 286 5.05 -20.49 -10.67
C GLU A 286 5.07 -20.15 -9.17
N GLU A 287 5.58 -21.06 -8.33
CA GLU A 287 5.94 -20.80 -6.90
C GLU A 287 7.47 -20.69 -6.80
N ASP A 288 8.19 -21.41 -7.64
CA ASP A 288 9.67 -21.34 -7.83
C ASP A 288 10.08 -19.98 -8.43
N ASP A 289 9.26 -19.46 -9.35
CA ASP A 289 9.47 -18.14 -10.03
C ASP A 289 9.53 -17.01 -8.98
N PHE A 290 8.81 -17.15 -7.84
CA PHE A 290 8.85 -16.20 -6.69
C PHE A 290 10.23 -16.20 -6.04
N VAL A 291 10.78 -17.38 -5.72
CA VAL A 291 12.08 -17.55 -5.00
C VAL A 291 13.17 -16.83 -5.80
N TYR A 292 13.11 -16.96 -7.13
CA TYR A 292 14.01 -16.35 -8.14
C TYR A 292 13.96 -14.81 -8.02
N PHE A 293 12.77 -14.24 -8.20
CA PHE A 293 12.48 -12.78 -8.17
C PHE A 293 12.69 -12.27 -6.73
N ASN A 294 13.55 -12.93 -5.94
CA ASN A 294 13.92 -12.52 -4.55
C ASN A 294 15.41 -12.85 -4.31
N PHE A 295 16.14 -13.24 -5.37
CA PHE A 295 17.61 -13.39 -5.39
C PHE A 295 18.33 -12.16 -4.82
N ASN A 296 17.67 -11.01 -4.67
CA ASN A 296 18.34 -9.74 -4.28
C ASN A 296 17.58 -9.10 -3.11
N LYS A 297 17.62 -9.76 -1.95
CA LYS A 297 16.88 -9.38 -0.71
C LYS A 297 17.88 -9.15 0.42
N GLU A 298 17.57 -8.17 1.28
CA GLU A 298 18.30 -7.89 2.55
C GLU A 298 18.08 -9.10 3.49
N LYS A 299 19.13 -9.88 3.74
CA LYS A 299 19.13 -11.10 4.61
C LYS A 299 18.71 -10.71 6.04
N GLU A 300 18.63 -11.70 6.96
CA GLU A 300 18.09 -11.55 8.33
C GLU A 300 19.06 -10.76 9.21
N GLU A 301 20.35 -10.74 8.86
CA GLU A 301 21.46 -10.21 9.70
C GLU A 301 21.59 -8.69 9.48
N LYS A 302 21.68 -8.26 8.22
CA LYS A 302 21.90 -6.84 7.81
C LYS A 302 20.56 -6.14 7.56
N ASN A 303 19.52 -6.47 8.35
CA ASN A 303 18.20 -5.80 8.37
C ASN A 303 18.24 -4.65 9.41
N LYS A 304 18.99 -3.58 9.06
CA LYS A 304 19.31 -2.37 9.86
C LYS A 304 19.33 -2.69 11.38
N ASN A 305 18.35 -2.15 12.11
CA ASN A 305 18.24 -2.28 13.59
C ASN A 305 17.66 -3.67 13.87
N SER A 306 18.51 -4.65 14.16
CA SER A 306 18.09 -6.00 14.60
C SER A 306 17.68 -5.90 16.08
N ILE A 307 16.41 -5.54 16.31
CA ILE A 307 15.70 -5.69 17.62
C ILE A 307 15.28 -7.17 17.68
N HIS A 308 15.14 -7.70 18.89
CA HIS A 308 15.07 -9.15 19.19
C HIS A 308 13.67 -9.68 18.85
N PRO A 309 13.57 -10.88 18.22
CA PRO A 309 12.26 -11.50 17.97
C PRO A 309 11.42 -11.61 19.25
N ASN A 310 11.93 -12.34 20.26
CA ASN A 310 11.29 -12.64 21.57
C ASN A 310 10.45 -11.45 22.09
N ASP A 311 10.81 -10.21 21.74
CA ASP A 311 10.12 -8.97 22.20
C ASP A 311 8.72 -8.86 21.56
N PHE A 312 8.59 -9.05 20.23
CA PHE A 312 7.32 -8.96 19.47
C PHE A 312 6.69 -10.35 19.25
N GLN A 313 6.61 -11.17 20.30
CA GLN A 313 6.18 -12.59 20.20
C GLN A 313 4.72 -12.64 19.76
N ILE A 314 3.86 -11.97 20.53
CA ILE A 314 2.39 -11.84 20.30
C ILE A 314 2.09 -11.24 18.91
N TYR A 315 2.70 -10.10 18.57
CA TYR A 315 2.48 -9.37 17.30
C TYR A 315 2.79 -10.27 16.10
N ASN A 316 3.80 -11.13 16.20
CA ASN A 316 4.28 -11.91 15.02
C ASN A 316 3.55 -13.25 14.97
N SER A 317 2.93 -13.65 16.08
CA SER A 317 2.17 -14.93 16.20
C SER A 317 0.90 -14.86 15.37
N LEU A 318 0.16 -13.73 15.44
CA LEU A 318 -1.10 -13.44 14.71
C LEU A 318 -0.87 -13.77 13.23
N LYS A 319 -1.80 -14.48 12.61
CA LYS A 319 -1.72 -14.85 11.18
C LYS A 319 -2.37 -13.75 10.35
N TYR A 320 -3.51 -13.19 10.79
CA TYR A 320 -4.24 -12.14 10.03
C TYR A 320 -4.40 -10.88 10.90
N LYS A 321 -3.91 -9.74 10.41
CA LYS A 321 -3.83 -8.48 11.20
C LYS A 321 -4.64 -7.41 10.45
N TYR A 322 -5.94 -7.63 10.34
CA TYR A 322 -6.84 -6.93 9.40
C TYR A 322 -7.57 -5.81 10.13
N HIS A 323 -7.47 -5.75 11.46
CA HIS A 323 -7.97 -4.62 12.29
C HIS A 323 -7.31 -3.33 11.80
N PRO A 324 -8.06 -2.26 11.50
CA PRO A 324 -7.46 -1.03 10.99
C PRO A 324 -6.38 -0.45 11.91
N GLU A 325 -6.36 -0.78 13.20
CA GLU A 325 -5.33 -0.29 14.14
C GLU A 325 -3.97 -0.87 13.71
N TYR A 326 -3.94 -2.01 13.05
CA TYR A 326 -2.66 -2.61 12.57
C TYR A 326 -2.03 -1.67 11.51
N GLN A 327 -2.81 -0.75 10.97
CA GLN A 327 -2.27 0.23 9.99
C GLN A 327 -1.26 1.13 10.68
N TYR A 328 -1.56 1.55 11.91
CA TYR A 328 -0.65 2.32 12.77
C TYR A 328 0.41 1.37 13.34
N LEU A 329 -0.01 0.29 13.97
CA LEU A 329 0.92 -0.67 14.62
C LEU A 329 2.02 -1.09 13.63
N ASN A 330 1.68 -1.37 12.38
CA ASN A 330 2.60 -1.98 11.36
C ASN A 330 3.64 -0.97 10.88
N ILE A 331 3.31 0.33 10.95
CA ILE A 331 4.25 1.47 10.67
C ILE A 331 5.28 1.57 11.81
N ILE A 332 4.85 1.45 13.07
CA ILE A 332 5.75 1.40 14.25
C ILE A 332 6.76 0.28 13.97
N TYR A 333 6.28 -0.85 13.47
CA TYR A 333 7.12 -2.05 13.27
C TYR A 333 8.12 -1.75 12.15
N ASP A 334 7.65 -1.18 11.04
CA ASP A 334 8.52 -0.94 9.86
C ASP A 334 9.59 0.07 10.25
N ILE A 335 9.22 1.05 11.08
CA ILE A 335 10.20 2.08 11.52
C ILE A 335 11.20 1.43 12.47
N MET A 336 10.74 0.58 13.39
CA MET A 336 11.64 -0.09 14.37
C MET A 336 12.62 -1.02 13.65
N MET A 337 12.15 -1.79 12.66
CA MET A 337 12.93 -2.86 11.97
C MET A 337 13.76 -2.27 10.83
N ASN A 338 13.34 -1.17 10.21
CA ASN A 338 13.95 -0.67 8.94
C ASN A 338 14.22 0.83 9.00
N GLY A 339 13.89 1.49 10.11
CA GLY A 339 14.03 2.95 10.28
C GLY A 339 15.49 3.38 10.18
N ASN A 340 15.70 4.59 9.66
CA ASN A 340 17.03 5.24 9.60
C ASN A 340 17.28 5.92 10.95
N LYS A 341 18.48 5.74 11.50
CA LYS A 341 18.90 6.35 12.79
C LYS A 341 19.38 7.79 12.52
N GLN A 342 18.75 8.79 13.15
CA GLN A 342 19.03 10.24 13.00
C GLN A 342 18.98 10.87 14.39
N SER A 343 19.96 11.69 14.75
CA SER A 343 19.86 12.62 15.91
C SER A 343 19.27 13.94 15.39
N ASP A 344 18.30 14.52 16.13
CA ASP A 344 17.26 15.44 15.59
C ASP A 344 17.47 16.87 16.13
N ARG A 345 16.41 17.70 16.03
CA ARG A 345 16.34 19.17 16.32
C ARG A 345 16.95 19.54 17.69
N THR A 346 16.90 18.63 18.69
CA THR A 346 17.31 18.88 20.10
C THR A 346 18.69 18.27 20.41
N GLY A 347 19.08 17.19 19.72
CA GLY A 347 20.23 16.31 20.07
C GLY A 347 19.78 15.05 20.79
N VAL A 348 18.54 14.60 20.54
CA VAL A 348 17.87 13.43 21.21
C VAL A 348 18.29 12.16 20.45
N GLY A 349 17.44 11.66 19.56
CA GLY A 349 17.61 10.35 18.90
C GLY A 349 16.28 9.78 18.41
N VAL A 350 16.11 9.58 17.10
CA VAL A 350 14.91 8.92 16.51
C VAL A 350 15.31 7.84 15.50
N LEU A 351 14.35 6.99 15.16
CA LEU A 351 14.35 6.19 13.91
C LEU A 351 13.31 6.80 12.99
N SER A 352 13.65 7.05 11.71
CA SER A 352 12.77 7.78 10.75
C SER A 352 12.67 6.98 9.45
N LYS A 353 11.49 6.97 8.81
CA LYS A 353 11.34 6.70 7.36
C LYS A 353 10.42 7.77 6.77
N PHE A 354 10.09 7.68 5.48
CA PHE A 354 9.58 8.82 4.68
C PHE A 354 8.46 8.33 3.78
N GLY A 355 7.20 8.61 4.11
CA GLY A 355 6.13 8.44 3.13
C GLY A 355 5.29 7.21 3.38
N TYR A 356 4.29 7.33 4.25
CA TYR A 356 3.30 6.28 4.55
C TYR A 356 1.91 6.83 4.27
N ILE A 357 0.94 5.93 4.15
CA ILE A 357 -0.49 6.31 4.03
C ILE A 357 -1.31 5.32 4.89
N MET A 358 -2.27 5.83 5.66
CA MET A 358 -3.27 5.04 6.43
C MET A 358 -4.64 5.47 5.93
N LYS A 359 -5.58 4.53 5.78
CA LYS A 359 -7.00 4.81 5.42
C LYS A 359 -7.92 4.25 6.50
N PHE A 360 -8.91 5.01 6.94
CA PHE A 360 -9.79 4.63 8.07
C PHE A 360 -11.22 4.87 7.62
N ASP A 361 -12.07 3.84 7.62
CA ASP A 361 -13.46 3.95 7.12
C ASP A 361 -14.36 4.50 8.25
N LEU A 362 -14.60 5.81 8.25
CA LEU A 362 -15.27 6.47 9.39
C LEU A 362 -16.76 6.11 9.39
N SER A 363 -17.27 5.47 8.33
CA SER A 363 -18.69 5.03 8.26
C SER A 363 -18.81 3.74 9.07
N GLN A 364 -17.69 3.06 9.33
CA GLN A 364 -17.67 1.71 9.94
C GLN A 364 -17.22 1.80 11.39
N TYR A 365 -16.37 2.77 11.75
CA TYR A 365 -15.82 2.88 13.12
C TYR A 365 -15.17 4.24 13.33
N PHE A 366 -14.92 4.61 14.59
CA PHE A 366 -14.10 5.80 14.93
C PHE A 366 -12.72 5.29 15.32
N PRO A 367 -11.63 5.59 14.58
CA PRO A 367 -10.34 4.95 14.80
C PRO A 367 -9.55 5.60 15.94
N LEU A 368 -10.09 5.56 17.16
CA LEU A 368 -9.36 5.89 18.40
C LEU A 368 -8.59 4.65 18.84
N LEU A 369 -7.28 4.73 19.05
CA LEU A 369 -6.46 3.51 19.22
C LEU A 369 -6.87 2.80 20.49
N THR A 370 -6.81 1.48 20.49
CA THR A 370 -7.24 0.63 21.63
C THR A 370 -6.04 0.03 22.37
N THR A 371 -4.85 -0.01 21.76
CA THR A 371 -3.69 -0.71 22.36
C THR A 371 -3.12 0.15 23.48
N LYS A 372 -3.71 1.31 23.74
CA LYS A 372 -3.44 2.15 24.94
C LYS A 372 -4.58 3.14 25.11
N LYS A 373 -4.66 3.80 26.27
CA LYS A 373 -5.77 4.74 26.61
C LYS A 373 -5.48 6.10 25.97
N LEU A 374 -6.49 6.72 25.38
CA LEU A 374 -6.43 8.11 24.88
C LEU A 374 -7.66 8.87 25.38
N PHE A 375 -7.51 10.11 25.83
CA PHE A 375 -8.64 11.03 26.16
C PHE A 375 -8.77 12.07 25.05
N LEU A 376 -9.98 12.40 24.66
CA LEU A 376 -10.18 13.31 23.50
C LEU A 376 -10.56 14.73 23.92
N ARG A 377 -10.84 14.98 25.21
CA ARG A 377 -11.36 16.31 25.65
C ARG A 377 -10.44 17.40 25.09
N GLY A 378 -9.14 17.26 25.38
CA GLY A 378 -8.06 18.19 25.02
C GLY A 378 -8.05 18.50 23.53
N ILE A 379 -7.99 17.44 22.71
CA ILE A 379 -7.82 17.57 21.24
C ILE A 379 -9.12 18.09 20.62
N ILE A 380 -10.30 17.83 21.21
CA ILE A 380 -11.59 18.44 20.76
C ILE A 380 -11.56 19.95 21.07
N GLU A 381 -11.18 20.35 22.29
CA GLU A 381 -10.97 21.77 22.67
C GLU A 381 -10.01 22.44 21.66
N GLU A 382 -8.89 21.81 21.33
CA GLU A 382 -7.90 22.36 20.35
C GLU A 382 -8.57 22.60 18.99
N LEU A 383 -9.49 21.74 18.59
CA LEU A 383 -10.10 21.74 17.23
C LEU A 383 -11.15 22.85 17.19
N LEU A 384 -11.80 23.10 18.31
CA LEU A 384 -12.83 24.15 18.43
C LEU A 384 -12.12 25.51 18.47
N TRP A 385 -10.97 25.53 19.11
CA TRP A 385 -10.04 26.67 19.23
C TRP A 385 -9.51 27.02 17.86
N PHE A 386 -9.09 26.03 17.05
CA PHE A 386 -8.76 26.27 15.62
C PHE A 386 -9.96 26.94 14.94
N ILE A 387 -11.11 26.29 14.95
CA ILE A 387 -12.27 26.75 14.12
C ILE A 387 -12.61 28.20 14.50
N ARG A 388 -12.43 28.59 15.76
CA ARG A 388 -12.72 29.98 16.22
C ARG A 388 -11.69 30.97 15.67
N GLY A 389 -10.52 30.49 15.21
CA GLY A 389 -9.45 31.33 14.63
C GLY A 389 -8.50 31.86 15.70
N GLU A 390 -8.73 31.45 16.96
CA GLU A 390 -7.88 31.71 18.14
C GLU A 390 -6.42 31.33 17.91
N THR A 391 -5.51 32.11 18.47
CA THR A 391 -4.05 31.85 18.57
C THR A 391 -3.58 31.99 20.01
N ASN A 392 -4.52 32.11 20.96
CA ASN A 392 -4.29 32.44 22.40
C ASN A 392 -4.21 31.15 23.22
N GLY A 393 -2.99 30.72 23.57
CA GLY A 393 -2.75 29.55 24.43
C GLY A 393 -3.48 29.63 25.77
N ASN A 394 -3.68 30.84 26.30
CA ASN A 394 -4.37 31.07 27.59
C ASN A 394 -5.75 30.42 27.55
N THR A 395 -6.48 30.49 26.44
CA THR A 395 -7.85 29.92 26.35
C THR A 395 -7.79 28.41 26.65
N LEU A 396 -6.81 27.69 26.10
CA LEU A 396 -6.69 26.22 26.29
C LEU A 396 -6.26 25.90 27.72
N LEU A 397 -5.24 26.58 28.25
CA LEU A 397 -4.77 26.43 29.66
C LEU A 397 -5.92 26.66 30.66
N ASN A 398 -6.83 27.63 30.44
CA ASN A 398 -8.02 27.87 31.31
C ASN A 398 -8.99 26.69 31.26
N LYS A 399 -8.95 25.90 30.18
CA LYS A 399 -9.69 24.63 30.03
C LYS A 399 -8.81 23.44 30.47
N ASN A 400 -7.69 23.72 31.09
CA ASN A 400 -6.73 22.68 31.54
C ASN A 400 -6.33 21.74 30.39
N VAL A 401 -6.14 22.29 29.18
CA VAL A 401 -5.55 21.61 28.00
C VAL A 401 -4.14 22.16 27.77
N ARG A 402 -3.11 21.32 27.95
CA ARG A 402 -1.68 21.77 27.98
C ARG A 402 -0.98 21.45 26.65
N ILE A 403 -1.71 21.02 25.62
CA ILE A 403 -1.18 20.59 24.28
C ILE A 403 -0.18 21.63 23.74
N TRP A 404 -0.43 22.95 23.92
CA TRP A 404 0.40 24.04 23.37
C TRP A 404 1.24 24.76 24.44
N GLU A 405 1.16 24.37 25.73
CA GLU A 405 1.82 25.11 26.83
C GLU A 405 3.31 25.34 26.53
N ALA A 406 4.08 24.29 26.23
CA ALA A 406 5.55 24.36 26.06
C ALA A 406 5.94 25.24 24.84
N ASN A 407 5.11 25.32 23.81
CA ASN A 407 5.42 26.14 22.61
C ASN A 407 5.13 27.62 22.90
N GLY A 408 4.66 27.97 24.10
CA GLY A 408 4.16 29.32 24.41
C GLY A 408 4.95 30.04 25.48
N THR A 409 6.03 29.43 25.97
CA THR A 409 6.79 29.93 27.14
C THR A 409 7.72 31.08 26.71
N ARG A 410 8.10 31.94 27.64
CA ARG A 410 9.18 32.92 27.39
C ARG A 410 10.38 32.22 26.76
N GLU A 411 10.89 31.14 27.37
CA GLU A 411 12.12 30.41 26.95
C GLU A 411 11.99 30.08 25.46
N PHE A 412 10.84 29.49 25.07
CA PHE A 412 10.60 28.92 23.74
C PHE A 412 10.46 30.05 22.70
N LEU A 413 9.54 31.01 22.91
CA LEU A 413 9.30 32.11 21.96
C LEU A 413 10.63 32.85 21.70
N ASP A 414 11.42 33.08 22.76
CA ASP A 414 12.79 33.68 22.73
C ASP A 414 13.73 32.84 21.87
N ASN A 415 13.69 31.52 21.98
CA ASN A 415 14.61 30.62 21.23
C ASN A 415 14.17 30.56 19.76
N ARG A 416 12.89 30.84 19.46
CA ARG A 416 12.40 31.04 18.08
C ARG A 416 12.56 32.51 17.63
N LYS A 417 13.31 33.32 18.37
CA LYS A 417 13.60 34.75 18.07
C LYS A 417 12.31 35.60 18.12
N LEU A 418 11.31 35.21 18.90
CA LEU A 418 10.04 35.97 19.00
C LEU A 418 10.08 36.73 20.33
N PHE A 419 11.11 37.58 20.49
CA PHE A 419 11.39 38.41 21.70
C PHE A 419 10.23 39.35 21.98
N HIS A 420 9.53 39.82 20.94
CA HIS A 420 8.49 40.88 20.99
C HIS A 420 7.12 40.22 20.98
N ARG A 421 7.06 38.96 21.42
CA ARG A 421 5.79 38.19 21.46
C ARG A 421 5.47 37.80 22.91
N GLU A 422 4.25 38.13 23.34
CA GLU A 422 3.66 37.82 24.66
C GLU A 422 3.64 36.31 24.87
N VAL A 423 3.83 35.87 26.10
CA VAL A 423 3.74 34.45 26.54
C VAL A 423 2.40 33.90 26.05
N ASN A 424 2.39 32.66 25.61
CA ASN A 424 1.19 31.95 25.09
C ASN A 424 0.61 32.66 23.85
N ASP A 425 1.30 33.65 23.26
CA ASP A 425 0.86 34.20 21.95
C ASP A 425 1.57 33.40 20.87
N LEU A 426 0.87 32.46 20.24
CA LEU A 426 1.51 31.42 19.40
C LEU A 426 1.63 31.95 17.96
N GLY A 427 1.13 33.16 17.69
CA GLY A 427 1.31 33.80 16.39
C GLY A 427 0.39 33.16 15.36
N PRO A 428 0.65 33.35 14.06
CA PRO A 428 -0.34 33.04 13.03
C PRO A 428 -0.34 31.56 12.68
N ILE A 429 -0.85 30.74 13.61
CA ILE A 429 -0.90 29.26 13.49
C ILE A 429 -2.30 28.85 13.01
N TYR A 430 -2.59 27.53 13.02
CA TYR A 430 -3.75 26.85 12.40
C TYR A 430 -4.93 27.81 12.32
N GLY A 431 -5.49 28.15 13.49
CA GLY A 431 -6.72 28.94 13.60
C GLY A 431 -6.66 30.17 12.72
N PHE A 432 -5.58 30.92 12.86
CA PHE A 432 -5.39 32.18 12.12
C PHE A 432 -5.30 31.91 10.62
N GLN A 433 -4.58 30.89 10.21
CA GLN A 433 -4.45 30.52 8.77
C GLN A 433 -5.78 29.98 8.23
N TRP A 434 -6.59 29.30 9.02
CA TRP A 434 -7.89 28.71 8.62
C TRP A 434 -8.94 29.80 8.36
N ARG A 435 -8.91 30.91 9.10
CA ARG A 435 -9.94 31.99 8.96
C ARG A 435 -9.39 33.28 8.34
N HIS A 436 -8.07 33.48 8.25
CA HIS A 436 -7.45 34.82 8.00
C HIS A 436 -6.17 34.72 7.19
N PHE A 437 -5.90 33.60 6.53
CA PHE A 437 -4.68 33.40 5.68
C PHE A 437 -4.44 34.68 4.86
N GLY A 438 -3.29 35.33 5.08
CA GLY A 438 -2.76 36.47 4.29
C GLY A 438 -2.87 37.79 5.01
N ALA A 439 -3.71 37.87 6.05
CA ALA A 439 -3.80 39.02 6.96
C ALA A 439 -2.48 39.11 7.72
N GLU A 440 -1.99 40.33 7.95
CA GLU A 440 -0.84 40.59 8.84
C GLU A 440 -1.23 40.19 10.26
N TYR A 441 -0.53 39.22 10.87
CA TYR A 441 -0.68 38.92 12.31
C TYR A 441 -0.16 40.13 13.09
N THR A 442 -0.88 40.57 14.12
CA THR A 442 -0.53 41.67 15.05
C THR A 442 -0.19 41.00 16.37
N ASN A 443 -1.21 40.71 17.17
CA ASN A 443 -1.15 39.95 18.45
C ASN A 443 -2.40 39.05 18.60
N MET A 444 -2.42 38.15 19.59
CA MET A 444 -3.51 37.15 19.74
C MET A 444 -4.83 37.81 20.19
N TYR A 445 -4.87 39.09 20.61
CA TYR A 445 -6.13 39.71 21.06
C TYR A 445 -6.87 40.44 19.91
N ASP A 446 -6.25 40.63 18.76
CA ASP A 446 -6.76 41.53 17.70
C ASP A 446 -8.06 40.94 17.11
N ASN A 447 -9.00 41.80 16.70
CA ASN A 447 -10.21 41.47 15.89
C ASN A 447 -9.80 41.49 14.40
N TYR A 448 -9.59 40.30 13.79
CA TYR A 448 -9.18 40.11 12.38
C TYR A 448 -10.38 39.87 11.44
N GLU A 449 -11.58 40.31 11.81
CA GLU A 449 -12.84 40.12 11.04
C GLU A 449 -12.67 40.59 9.60
N ASN A 450 -13.08 39.78 8.61
CA ASN A 450 -13.04 40.07 7.16
C ASN A 450 -11.63 40.53 6.73
N LYS A 451 -10.60 40.01 7.40
CA LYS A 451 -9.16 40.16 7.03
C LYS A 451 -8.64 38.78 6.64
N GLY A 452 -7.98 38.65 5.50
CA GLY A 452 -7.39 37.38 5.04
C GLY A 452 -8.46 36.45 4.51
N VAL A 453 -8.05 35.37 3.89
CA VAL A 453 -8.97 34.43 3.22
C VAL A 453 -9.55 33.49 4.28
N ASP A 454 -10.87 33.46 4.41
CA ASP A 454 -11.60 32.51 5.31
C ASP A 454 -11.70 31.15 4.62
N GLN A 455 -10.64 30.35 4.76
CA GLN A 455 -10.48 29.07 4.03
C GLN A 455 -11.61 28.12 4.47
N LEU A 456 -11.92 28.08 5.76
CA LEU A 456 -12.85 27.10 6.33
C LEU A 456 -14.22 27.32 5.71
N LYS A 457 -14.72 28.56 5.73
CA LYS A 457 -16.02 28.96 5.11
C LYS A 457 -16.02 28.58 3.63
N ASN A 458 -14.91 28.83 2.92
CA ASN A 458 -14.77 28.62 1.46
C ASN A 458 -14.93 27.12 1.15
N ILE A 459 -14.29 26.24 1.93
CA ILE A 459 -14.27 24.77 1.60
C ILE A 459 -15.64 24.21 2.00
N ILE A 460 -16.27 24.77 3.02
CA ILE A 460 -17.65 24.35 3.41
C ILE A 460 -18.60 24.72 2.26
N ASN A 461 -18.36 25.84 1.58
CA ASN A 461 -19.17 26.31 0.42
C ASN A 461 -18.87 25.44 -0.80
N LEU A 462 -17.60 25.15 -1.07
CA LEU A 462 -17.24 24.30 -2.24
C LEU A 462 -17.85 22.90 -2.07
N ILE A 463 -17.87 22.38 -0.85
CA ILE A 463 -18.35 20.98 -0.62
C ILE A 463 -19.85 20.98 -0.88
N LYS A 464 -20.54 22.04 -0.42
CA LYS A 464 -22.00 22.27 -0.61
C LYS A 464 -22.34 22.56 -2.07
N ASN A 465 -21.59 23.38 -2.80
CA ASN A 465 -22.08 23.94 -4.10
C ASN A 465 -21.30 23.44 -5.32
N ASP A 466 -20.06 22.97 -5.16
CA ASP A 466 -19.21 22.47 -6.27
C ASP A 466 -18.52 21.20 -5.76
N PRO A 467 -19.29 20.18 -5.31
CA PRO A 467 -18.73 19.00 -4.64
C PRO A 467 -17.67 18.24 -5.45
N THR A 468 -17.69 18.29 -6.77
CA THR A 468 -16.71 17.59 -7.64
C THR A 468 -15.44 18.42 -7.78
N SER A 469 -15.46 19.69 -7.40
CA SER A 469 -14.25 20.56 -7.30
C SER A 469 -13.10 19.71 -6.77
N ARG A 470 -11.90 19.96 -7.29
CA ARG A 470 -10.65 19.26 -6.91
C ARG A 470 -9.70 20.28 -6.26
N ARG A 471 -10.27 21.34 -5.69
CA ARG A 471 -9.53 22.48 -5.08
C ARG A 471 -10.05 22.72 -3.66
N ILE A 472 -10.71 21.73 -3.06
CA ILE A 472 -11.24 21.85 -1.68
C ILE A 472 -10.08 21.48 -0.75
N LEU A 473 -9.02 22.29 -0.78
CA LEU A 473 -7.92 22.20 0.19
C LEU A 473 -8.12 23.27 1.26
N LEU A 474 -7.78 22.93 2.48
CA LEU A 474 -7.54 23.81 3.64
C LEU A 474 -6.04 23.68 3.92
N CYS A 475 -5.29 24.79 4.00
CA CYS A 475 -3.80 24.80 4.12
C CYS A 475 -3.37 25.65 5.32
N ALA A 476 -2.49 25.13 6.16
CA ALA A 476 -1.97 25.82 7.37
C ALA A 476 -0.57 26.34 7.09
N TRP A 477 0.05 25.84 6.04
CA TRP A 477 1.47 26.11 5.71
C TRP A 477 1.53 27.40 4.92
N ASN A 478 1.37 28.50 5.63
CA ASN A 478 1.60 29.86 5.06
C ASN A 478 3.10 30.16 5.15
N VAL A 479 3.82 29.93 4.06
CA VAL A 479 5.29 30.15 3.86
C VAL A 479 5.70 31.53 4.41
N LYS A 480 4.90 32.55 4.15
CA LYS A 480 5.20 33.97 4.50
C LYS A 480 5.30 34.14 6.03
N ASP A 481 4.56 33.34 6.82
CA ASP A 481 4.33 33.53 8.27
C ASP A 481 5.04 32.44 9.08
N LEU A 482 5.60 31.44 8.44
CA LEU A 482 6.30 30.35 9.17
C LEU A 482 7.11 30.94 10.33
N ASP A 483 8.08 31.83 10.08
CA ASP A 483 9.01 32.29 11.16
C ASP A 483 8.25 33.02 12.28
N GLN A 484 7.02 33.54 12.06
CA GLN A 484 6.23 34.24 13.10
C GLN A 484 5.42 33.26 13.95
N MET A 485 5.12 32.05 13.48
CA MET A 485 4.46 30.96 14.28
C MET A 485 5.40 30.48 15.38
N ALA A 486 4.90 29.92 16.47
CA ALA A 486 5.70 29.30 17.55
C ALA A 486 6.45 28.09 16.99
N LEU A 487 5.77 27.29 16.18
CA LEU A 487 6.47 26.35 15.26
C LEU A 487 5.60 26.10 14.05
N PRO A 488 6.20 25.80 12.88
CA PRO A 488 5.44 25.53 11.66
C PRO A 488 4.45 24.40 11.88
N PRO A 489 3.34 24.37 11.12
CA PRO A 489 2.38 23.30 11.27
C PRO A 489 2.96 21.92 10.90
N CYS A 490 2.78 20.96 11.80
CA CYS A 490 2.94 19.50 11.56
C CYS A 490 1.92 19.07 10.51
N HIS A 491 0.66 19.50 10.65
CA HIS A 491 -0.48 19.07 9.80
C HIS A 491 -0.66 20.13 8.73
N ILE A 492 -0.11 19.88 7.55
CA ILE A 492 0.14 20.86 6.44
C ILE A 492 -1.18 21.27 5.77
N LEU A 493 -2.04 20.30 5.44
CA LEU A 493 -3.23 20.50 4.59
C LEU A 493 -4.17 19.30 4.68
N CYS A 494 -5.44 19.59 4.38
CA CYS A 494 -6.59 18.70 4.19
C CYS A 494 -7.11 18.95 2.78
N GLN A 495 -7.17 17.92 1.96
CA GLN A 495 -7.98 17.92 0.73
C GLN A 495 -9.27 17.12 1.00
N PHE A 496 -10.43 17.59 0.50
CA PHE A 496 -11.75 16.92 0.64
C PHE A 496 -12.19 16.36 -0.71
N TYR A 497 -13.02 15.30 -0.68
CA TYR A 497 -13.54 14.57 -1.88
C TYR A 497 -14.99 14.17 -1.60
N VAL A 498 -15.87 14.32 -2.59
CA VAL A 498 -17.34 14.10 -2.43
C VAL A 498 -17.86 13.20 -3.55
N PHE A 499 -18.43 12.04 -3.21
CA PHE A 499 -19.16 11.14 -4.12
C PHE A 499 -20.36 10.55 -3.40
N ASP A 500 -21.56 10.66 -3.98
CA ASP A 500 -22.76 9.92 -3.52
C ASP A 500 -23.05 10.30 -2.06
N GLY A 501 -22.99 11.59 -1.75
CA GLY A 501 -23.40 12.18 -0.47
C GLY A 501 -22.50 11.80 0.69
N LYS A 502 -21.28 11.32 0.34
CA LYS A 502 -20.23 10.82 1.27
C LYS A 502 -18.98 11.70 1.13
N LEU A 503 -18.38 12.08 2.24
CA LEU A 503 -17.19 12.98 2.31
C LEU A 503 -15.98 12.15 2.75
N SER A 504 -14.89 12.24 2.01
CA SER A 504 -13.57 11.71 2.44
C SER A 504 -12.60 12.87 2.61
N CYS A 505 -11.50 12.67 3.33
CA CYS A 505 -10.52 13.71 3.74
C CYS A 505 -9.10 13.16 3.74
N ILE A 506 -8.24 13.62 2.85
CA ILE A 506 -6.78 13.40 2.93
C ILE A 506 -6.19 14.50 3.80
N MET A 507 -5.38 14.14 4.79
CA MET A 507 -4.54 15.10 5.59
C MET A 507 -3.08 14.74 5.39
N TYR A 508 -2.26 15.67 4.87
CA TYR A 508 -0.81 15.49 4.70
C TYR A 508 -0.09 16.02 5.96
N GLN A 509 0.66 15.14 6.63
CA GLN A 509 1.44 15.47 7.87
C GLN A 509 2.93 15.49 7.49
N ARG A 510 3.64 16.62 7.68
CA ARG A 510 5.06 16.72 7.27
C ARG A 510 5.95 15.97 8.26
N SER A 511 5.61 16.06 9.55
CA SER A 511 6.40 15.51 10.68
C SER A 511 5.46 14.82 11.66
N CYS A 512 5.70 13.53 11.88
CA CYS A 512 4.81 12.61 12.63
C CYS A 512 5.71 11.86 13.62
N ASP A 513 5.54 12.22 14.89
CA ASP A 513 5.86 11.44 16.09
C ASP A 513 4.86 10.28 16.19
N LEU A 514 5.23 9.09 15.69
CA LEU A 514 4.38 7.89 15.73
C LEU A 514 3.97 7.62 17.17
N GLY A 515 4.86 7.92 18.13
CA GLY A 515 4.76 7.50 19.54
C GLY A 515 3.65 8.22 20.32
N LEU A 516 3.66 9.57 20.35
CA LEU A 516 2.64 10.40 21.07
C LEU A 516 1.70 11.11 20.08
N GLY A 517 2.24 11.67 19.00
CA GLY A 517 1.50 12.61 18.14
C GLY A 517 0.42 11.91 17.36
N VAL A 518 0.80 10.90 16.57
CA VAL A 518 -0.03 10.32 15.48
C VAL A 518 -1.34 9.76 16.05
N PRO A 519 -1.35 9.04 17.19
CA PRO A 519 -2.61 8.54 17.73
C PRO A 519 -3.63 9.69 17.82
N PHE A 520 -3.21 10.85 18.33
CA PHE A 520 -4.09 12.04 18.52
C PHE A 520 -4.43 12.63 17.16
N ASN A 521 -3.44 12.69 16.27
CA ASN A 521 -3.56 13.35 14.95
C ASN A 521 -4.66 12.62 14.15
N ILE A 522 -4.71 11.29 14.25
CA ILE A 522 -5.74 10.41 13.61
C ILE A 522 -7.10 10.79 14.20
N ALA A 523 -7.19 10.85 15.53
CA ALA A 523 -8.42 11.21 16.26
C ALA A 523 -8.92 12.62 15.84
N SER A 524 -8.04 13.63 15.74
CA SER A 524 -8.43 15.06 15.49
C SER A 524 -9.09 15.21 14.12
N TYR A 525 -8.47 14.69 13.07
CA TYR A 525 -8.91 14.90 11.67
C TYR A 525 -10.11 13.99 11.37
N SER A 526 -10.24 12.85 12.05
CA SER A 526 -11.44 11.98 11.93
C SER A 526 -12.64 12.76 12.49
N ILE A 527 -12.54 13.29 13.72
CA ILE A 527 -13.58 14.21 14.29
C ILE A 527 -13.82 15.37 13.31
N PHE A 528 -12.77 15.96 12.74
CA PHE A 528 -12.98 17.14 11.86
C PHE A 528 -13.79 16.69 10.65
N THR A 529 -13.51 15.52 10.07
CA THR A 529 -14.21 15.02 8.86
C THR A 529 -15.70 14.89 9.18
N HIS A 530 -16.01 14.36 10.37
CA HIS A 530 -17.41 14.19 10.88
C HIS A 530 -18.11 15.55 10.88
N MET A 531 -17.51 16.53 11.57
CA MET A 531 -18.00 17.94 11.67
C MET A 531 -18.28 18.53 10.27
N ILE A 532 -17.33 18.47 9.34
CA ILE A 532 -17.52 19.12 8.01
C ILE A 532 -18.68 18.39 7.30
N ALA A 533 -18.61 17.06 7.31
CA ALA A 533 -19.56 16.15 6.60
C ALA A 533 -20.96 16.52 7.05
N GLN A 534 -21.14 16.68 8.36
CA GLN A 534 -22.45 16.91 9.03
C GLN A 534 -23.03 18.25 8.62
N VAL A 535 -22.21 19.32 8.75
CA VAL A 535 -22.66 20.72 8.47
C VAL A 535 -22.81 20.91 6.95
N CYS A 536 -22.41 19.92 6.14
CA CYS A 536 -22.60 19.94 4.66
C CYS A 536 -23.68 18.93 4.22
N ASN A 537 -24.31 18.24 5.17
CA ASN A 537 -25.42 17.28 4.94
C ASN A 537 -24.89 16.09 4.14
N LEU A 538 -23.70 15.59 4.50
CA LEU A 538 -23.06 14.39 3.89
C LEU A 538 -22.77 13.37 4.98
N GLN A 539 -22.28 12.21 4.59
CA GLN A 539 -21.93 11.11 5.52
C GLN A 539 -20.41 10.95 5.43
N PRO A 540 -19.69 10.88 6.57
CA PRO A 540 -18.25 10.68 6.56
C PRO A 540 -17.95 9.34 5.87
N ALA A 541 -17.00 9.32 4.94
CA ALA A 541 -16.49 8.10 4.30
C ALA A 541 -15.08 7.83 4.82
N GLN A 542 -14.02 8.06 4.03
CA GLN A 542 -12.64 7.69 4.45
C GLN A 542 -11.86 8.90 4.96
N PHE A 543 -11.12 8.72 6.04
CA PHE A 543 -10.08 9.69 6.47
C PHE A 543 -8.77 9.06 6.06
N ILE A 544 -8.02 9.71 5.19
CA ILE A 544 -6.74 9.21 4.62
C ILE A 544 -5.63 10.06 5.19
N HIS A 545 -4.63 9.43 5.82
CA HIS A 545 -3.54 10.07 6.58
C HIS A 545 -2.23 9.79 5.84
N VAL A 546 -1.64 10.82 5.20
CA VAL A 546 -0.32 10.71 4.51
C VAL A 546 0.77 11.24 5.46
N LEU A 547 1.76 10.41 5.79
CA LEU A 547 2.87 10.79 6.71
C LEU A 547 4.06 11.11 5.84
N GLY A 548 4.71 12.24 6.09
CA GLY A 548 5.96 12.60 5.42
C GLY A 548 7.11 11.94 6.14
N ASN A 549 7.82 12.71 6.95
CA ASN A 549 8.88 12.22 7.87
C ASN A 549 8.18 11.52 9.02
N ALA A 550 8.15 10.20 9.02
CA ALA A 550 7.47 9.41 10.07
C ALA A 550 8.54 8.91 11.03
N HIS A 551 8.55 9.36 12.29
CA HIS A 551 9.66 9.01 13.22
C HIS A 551 9.19 8.47 14.57
N VAL A 552 9.99 7.60 15.16
CA VAL A 552 9.87 7.07 16.54
C VAL A 552 11.05 7.58 17.36
N TYR A 553 10.78 8.34 18.42
CA TYR A 553 11.77 8.69 19.48
C TYR A 553 12.30 7.41 20.11
N ASN A 554 13.63 7.33 20.32
CA ASN A 554 14.35 6.12 20.82
C ASN A 554 13.88 5.78 22.23
N ASN A 555 13.47 6.76 23.02
CA ASN A 555 13.04 6.49 24.43
C ASN A 555 11.60 5.97 24.44
N HIS A 556 10.88 6.11 23.33
CA HIS A 556 9.52 5.53 23.15
C HIS A 556 9.59 4.04 22.79
N ILE A 557 10.71 3.56 22.27
CA ILE A 557 10.87 2.16 21.74
C ILE A 557 10.35 1.14 22.78
N ASP A 558 10.75 1.19 24.04
CA ASP A 558 10.37 0.16 25.06
C ASP A 558 8.86 0.16 25.20
N SER A 559 8.28 1.33 25.42
CA SER A 559 6.82 1.52 25.51
C SER A 559 6.13 0.98 24.25
N LEU A 560 6.63 1.29 23.07
CA LEU A 560 5.99 0.79 21.83
C LEU A 560 6.08 -0.74 21.72
N LYS A 561 7.10 -1.38 22.28
CA LYS A 561 7.22 -2.87 22.28
C LYS A 561 6.06 -3.47 23.08
N ILE A 562 5.81 -2.95 24.26
CA ILE A 562 4.65 -3.38 25.07
C ILE A 562 3.40 -3.29 24.18
N GLN A 563 3.22 -2.16 23.50
CA GLN A 563 2.00 -1.78 22.74
C GLN A 563 1.80 -2.72 21.55
N LEU A 564 2.85 -3.07 20.80
CA LEU A 564 2.72 -3.93 19.58
C LEU A 564 2.26 -5.34 19.93
N ASN A 565 2.38 -5.74 21.20
CA ASN A 565 2.04 -7.10 21.68
C ASN A 565 0.63 -7.09 22.32
N ARG A 566 -0.02 -5.94 22.35
CA ARG A 566 -1.44 -5.86 22.74
C ARG A 566 -2.26 -6.10 21.46
N ILE A 567 -3.38 -6.81 21.59
CA ILE A 567 -4.28 -7.11 20.45
C ILE A 567 -5.36 -6.04 20.46
N PRO A 568 -5.56 -5.32 19.36
CA PRO A 568 -6.63 -4.33 19.29
C PRO A 568 -8.01 -4.87 19.72
N TYR A 569 -8.86 -4.02 20.34
CA TYR A 569 -10.32 -4.21 20.54
C TYR A 569 -11.11 -3.53 19.42
N PRO A 570 -12.40 -3.88 19.23
CA PRO A 570 -13.21 -3.17 18.25
C PRO A 570 -13.26 -1.69 18.64
N PHE A 571 -13.01 -0.86 17.65
CA PHE A 571 -13.05 0.61 17.74
C PHE A 571 -14.39 1.07 18.32
N PRO A 572 -14.39 2.24 19.02
CA PRO A 572 -15.63 2.86 19.48
C PRO A 572 -16.38 3.50 18.32
N THR A 573 -17.37 4.34 18.65
CA THR A 573 -18.15 5.21 17.72
C THR A 573 -18.24 6.66 18.26
N LEU A 574 -18.16 7.63 17.36
CA LEU A 574 -18.35 9.06 17.68
C LEU A 574 -19.78 9.45 17.34
N LYS A 575 -20.52 10.07 18.29
CA LYS A 575 -21.82 10.74 18.03
C LYS A 575 -21.65 12.27 18.13
N LEU A 576 -21.94 12.95 17.02
CA LEU A 576 -22.14 14.41 16.93
C LEU A 576 -23.61 14.71 17.23
N ASN A 577 -23.89 15.46 18.29
CA ASN A 577 -25.15 16.21 18.41
C ASN A 577 -25.59 16.58 17.00
N PRO A 578 -26.75 16.09 16.52
CA PRO A 578 -27.10 16.27 15.12
C PRO A 578 -27.82 17.60 14.88
N ASP A 579 -28.17 18.35 15.93
CA ASP A 579 -28.82 19.69 15.79
C ASP A 579 -27.80 20.73 15.29
N ILE A 580 -26.49 20.46 15.35
CA ILE A 580 -25.43 21.43 14.92
C ILE A 580 -25.36 21.43 13.38
N LYS A 581 -25.79 22.52 12.75
CA LYS A 581 -25.81 22.71 11.27
C LYS A 581 -24.71 23.69 10.85
N ASN A 582 -23.96 24.25 11.79
CA ASN A 582 -22.90 25.24 11.47
C ASN A 582 -21.56 24.85 12.10
N ILE A 583 -20.47 24.97 11.36
CA ILE A 583 -19.11 24.52 11.76
C ILE A 583 -18.66 25.22 13.04
N GLU A 584 -19.22 26.42 13.31
CA GLU A 584 -18.81 27.32 14.42
C GLU A 584 -19.63 27.00 15.68
N ASP A 585 -20.76 26.32 15.52
CA ASP A 585 -21.78 26.14 16.58
C ASP A 585 -21.46 24.91 17.44
N PHE A 586 -20.44 24.13 17.13
CA PHE A 586 -20.06 22.97 17.97
C PHE A 586 -19.51 23.45 19.31
N THR A 587 -19.78 22.69 20.36
CA THR A 587 -19.16 22.88 21.70
C THR A 587 -18.84 21.50 22.28
N ILE A 588 -18.03 21.47 23.32
CA ILE A 588 -17.50 20.21 23.91
C ILE A 588 -18.63 19.16 24.00
N SER A 589 -19.76 19.48 24.62
CA SER A 589 -20.83 18.53 25.00
C SER A 589 -21.61 18.01 23.78
N ASP A 590 -21.25 18.46 22.58
CA ASP A 590 -21.86 17.94 21.32
C ASP A 590 -21.09 16.69 20.87
N PHE A 591 -20.09 16.21 21.64
CA PHE A 591 -19.17 15.11 21.24
C PHE A 591 -19.25 13.95 22.22
N THR A 592 -19.77 12.81 21.76
CA THR A 592 -19.88 11.59 22.60
C THR A 592 -19.18 10.43 21.92
N ILE A 593 -18.14 9.91 22.58
CA ILE A 593 -17.45 8.65 22.19
C ILE A 593 -18.18 7.54 22.95
N GLN A 594 -18.81 6.60 22.24
CA GLN A 594 -19.53 5.45 22.84
C GLN A 594 -18.69 4.18 22.67
N ASN A 595 -18.62 3.36 23.72
CA ASN A 595 -18.06 1.99 23.66
C ASN A 595 -16.55 2.05 23.36
N TYR A 596 -15.81 2.96 24.01
CA TYR A 596 -14.33 2.91 23.97
C TYR A 596 -13.89 1.74 24.86
N VAL A 597 -13.49 0.64 24.23
CA VAL A 597 -12.81 -0.51 24.90
C VAL A 597 -11.32 -0.41 24.57
N HIS A 598 -10.46 -0.33 25.57
CA HIS A 598 -9.03 0.03 25.43
C HIS A 598 -8.16 -0.70 26.46
N HIS A 599 -6.94 -1.03 26.05
CA HIS A 599 -5.86 -1.49 26.97
C HIS A 599 -5.47 -0.34 27.93
N GLU A 600 -4.46 -0.61 28.77
CA GLU A 600 -4.04 0.25 29.90
C GLU A 600 -3.24 1.45 29.37
N LYS A 601 -3.34 2.59 30.06
CA LYS A 601 -2.48 3.78 29.87
C LYS A 601 -1.03 3.28 29.74
N ILE A 602 -0.27 3.89 28.82
CA ILE A 602 1.20 3.71 28.67
C ILE A 602 1.81 5.11 28.70
N SER A 603 2.83 5.32 29.55
CA SER A 603 3.82 6.42 29.42
C SER A 603 4.82 6.01 28.34
N MET A 604 4.82 6.67 27.19
CA MET A 604 5.89 6.47 26.18
C MET A 604 7.21 6.85 26.88
N ASP A 605 7.11 7.71 27.90
CA ASP A 605 8.17 8.05 28.88
C ASP A 605 7.83 7.42 30.24
N GLN B 4 4.01 -34.32 -23.84
CA GLN B 4 5.20 -33.87 -24.63
C GLN B 4 6.42 -33.78 -23.69
N VAL B 5 7.62 -33.81 -24.27
CA VAL B 5 8.94 -34.02 -23.57
C VAL B 5 9.22 -32.85 -22.62
N CYS B 6 9.04 -31.60 -23.08
CA CYS B 6 9.52 -30.33 -22.44
C CYS B 6 8.79 -30.03 -21.11
N ASP B 7 7.62 -30.63 -20.86
CA ASP B 7 6.86 -30.47 -19.58
C ASP B 7 7.26 -31.60 -18.63
N VAL B 8 7.42 -32.81 -19.16
CA VAL B 8 7.80 -34.05 -18.38
C VAL B 8 9.17 -33.83 -17.74
N PHE B 9 10.15 -33.41 -18.53
CA PHE B 9 11.59 -33.37 -18.18
C PHE B 9 11.99 -32.04 -17.53
N ASP B 10 11.27 -30.95 -17.83
CA ASP B 10 11.50 -29.55 -17.36
C ASP B 10 12.75 -28.96 -18.03
N ILE B 11 12.64 -28.63 -19.32
CA ILE B 11 13.68 -27.94 -20.13
C ILE B 11 13.33 -26.44 -20.19
N TYR B 12 14.13 -25.62 -19.49
CA TYR B 12 14.08 -24.13 -19.51
C TYR B 12 15.40 -23.65 -20.12
N ALA B 13 15.32 -22.58 -20.93
CA ALA B 13 16.48 -21.78 -21.33
C ALA B 13 16.75 -20.74 -20.23
N ILE B 14 17.93 -20.13 -20.25
CA ILE B 14 18.27 -18.96 -19.40
C ILE B 14 19.30 -18.13 -20.17
N CYS B 15 18.90 -16.92 -20.60
CA CYS B 15 19.70 -16.02 -21.45
C CYS B 15 19.71 -14.61 -20.84
N ALA B 16 20.69 -13.82 -21.28
CA ALA B 16 20.80 -12.35 -21.10
C ALA B 16 21.10 -11.72 -22.45
N CYS B 17 20.24 -10.82 -22.93
CA CYS B 17 20.41 -10.15 -24.24
C CYS B 17 20.44 -8.64 -24.04
N CYS B 18 21.54 -8.03 -24.47
CA CYS B 18 21.73 -6.57 -24.66
C CYS B 18 21.19 -6.12 -26.01
N LYS B 19 21.22 -4.81 -26.28
CA LYS B 19 20.79 -4.20 -27.57
C LYS B 19 22.02 -4.19 -28.51
N VAL B 20 21.78 -4.11 -29.83
CA VAL B 20 22.80 -4.17 -30.93
C VAL B 20 22.73 -2.86 -31.73
N GLU B 21 23.88 -2.43 -32.30
CA GLU B 21 24.09 -1.14 -33.04
C GLU B 21 22.90 -0.83 -33.97
N ASN B 29 12.62 7.27 -37.25
CA ASN B 29 13.69 6.86 -36.31
C ASN B 29 13.51 5.37 -35.95
N GLU B 30 13.59 4.99 -34.66
CA GLU B 30 13.72 3.58 -34.18
C GLU B 30 12.41 3.08 -33.58
N VAL B 31 11.85 2.00 -34.12
CA VAL B 31 10.75 1.19 -33.53
C VAL B 31 11.41 0.18 -32.56
N PHE B 32 10.78 -0.10 -31.43
CA PHE B 32 11.18 -1.15 -30.45
C PHE B 32 10.14 -2.26 -30.40
N ASN B 33 10.61 -3.46 -30.05
CA ASN B 33 9.83 -4.68 -29.71
C ASN B 33 10.75 -5.58 -28.88
N ASN B 34 10.28 -6.75 -28.46
CA ASN B 34 11.11 -7.62 -27.60
C ASN B 34 12.41 -7.95 -28.36
N TYR B 35 12.35 -8.11 -29.70
CA TYR B 35 13.52 -8.50 -30.53
C TYR B 35 14.68 -7.48 -30.38
N THR B 36 14.38 -6.21 -30.09
CA THR B 36 15.39 -5.19 -29.69
C THR B 36 16.52 -5.83 -28.86
N PHE B 37 16.15 -6.64 -27.86
CA PHE B 37 17.09 -7.32 -26.94
C PHE B 37 17.45 -8.66 -27.56
N ARG B 38 18.71 -8.87 -27.97
CA ARG B 38 19.15 -10.12 -28.67
C ARG B 38 20.68 -10.33 -28.62
N GLY B 39 21.49 -9.27 -28.54
CA GLY B 39 22.93 -9.38 -28.27
C GLY B 39 23.24 -10.47 -27.23
N LEU B 40 23.92 -11.55 -27.65
CA LEU B 40 24.20 -12.75 -26.81
C LEU B 40 25.68 -12.83 -26.41
N GLY B 41 26.60 -12.53 -27.33
CA GLY B 41 28.07 -12.69 -27.15
C GLY B 41 28.87 -11.99 -28.23
N ASN B 42 30.20 -12.03 -28.10
CA ASN B 42 31.13 -11.28 -28.99
C ASN B 42 32.57 -11.75 -28.79
N LYS B 43 33.24 -12.14 -29.89
CA LYS B 43 34.64 -12.67 -29.89
C LYS B 43 34.75 -13.76 -28.82
N GLY B 44 33.75 -14.65 -28.77
CA GLY B 44 33.69 -15.82 -27.88
C GLY B 44 33.36 -15.48 -26.43
N VAL B 45 33.24 -14.20 -26.06
CA VAL B 45 32.89 -13.75 -24.68
C VAL B 45 31.61 -12.90 -24.73
N LEU B 46 31.06 -12.62 -23.55
CA LEU B 46 29.86 -11.77 -23.37
C LEU B 46 30.16 -10.36 -23.90
N PRO B 47 29.16 -9.63 -24.46
CA PRO B 47 29.36 -8.28 -25.01
C PRO B 47 29.83 -7.20 -23.99
N TRP B 48 29.50 -7.40 -22.72
CA TRP B 48 29.66 -6.39 -21.66
C TRP B 48 30.80 -6.84 -20.73
N LYS B 49 31.43 -5.91 -20.01
CA LYS B 49 32.61 -6.24 -19.17
C LYS B 49 32.13 -7.21 -18.08
N CYS B 50 31.30 -6.75 -17.14
CA CYS B 50 30.72 -7.57 -16.04
C CYS B 50 29.40 -6.97 -15.56
N ILE B 51 28.33 -7.76 -15.55
CA ILE B 51 27.01 -7.35 -15.00
C ILE B 51 26.64 -8.34 -13.87
N SER B 52 27.09 -8.01 -12.66
CA SER B 52 27.17 -8.91 -11.48
C SER B 52 25.77 -9.27 -10.95
N LEU B 53 24.75 -8.43 -11.11
CA LEU B 53 23.37 -8.78 -10.66
C LEU B 53 22.81 -9.91 -11.52
N ASP B 54 23.00 -9.82 -12.85
CA ASP B 54 22.56 -10.89 -13.80
C ASP B 54 23.38 -12.17 -13.55
N MET B 55 24.68 -12.04 -13.33
CA MET B 55 25.56 -13.19 -12.96
C MET B 55 25.11 -13.77 -11.62
N LYS B 56 24.69 -12.95 -10.66
CA LYS B 56 24.10 -13.43 -9.40
C LYS B 56 22.74 -14.08 -9.68
N TYR B 57 21.86 -13.47 -10.47
CA TYR B 57 20.55 -14.08 -10.83
C TYR B 57 20.78 -15.46 -11.44
N PHE B 58 21.79 -15.57 -12.30
CA PHE B 58 22.21 -16.82 -13.00
C PHE B 58 22.54 -17.94 -11.98
N ARG B 59 23.42 -17.68 -11.02
CA ARG B 59 23.73 -18.59 -9.87
C ARG B 59 22.40 -19.10 -9.30
N ALA B 60 21.62 -18.22 -8.67
CA ALA B 60 20.40 -18.56 -7.90
C ALA B 60 19.50 -19.50 -8.71
N VAL B 61 19.09 -19.11 -9.92
CA VAL B 61 18.05 -19.79 -10.76
C VAL B 61 18.52 -21.21 -11.10
N THR B 62 19.79 -21.37 -11.53
CA THR B 62 20.34 -22.68 -11.96
C THR B 62 20.53 -23.58 -10.75
N THR B 63 21.08 -23.09 -9.64
CA THR B 63 21.41 -23.93 -8.45
C THR B 63 20.13 -24.27 -7.68
N TYR B 64 19.17 -23.35 -7.56
CA TYR B 64 18.02 -23.51 -6.63
C TYR B 64 17.40 -24.91 -6.80
N VAL B 65 17.00 -25.51 -5.68
CA VAL B 65 16.29 -26.83 -5.64
C VAL B 65 15.21 -26.80 -4.55
N ASN B 66 14.06 -27.42 -4.82
CA ASN B 66 13.00 -27.70 -3.81
C ASN B 66 12.64 -29.20 -3.87
N GLU B 67 13.15 -29.96 -2.89
CA GLU B 67 13.10 -31.46 -2.89
C GLU B 67 11.67 -31.90 -2.61
N SER B 68 10.90 -31.09 -1.87
CA SER B 68 9.53 -31.43 -1.46
C SER B 68 8.58 -31.38 -2.66
N LYS B 69 9.04 -30.95 -3.85
CA LYS B 69 8.25 -30.98 -5.12
C LYS B 69 8.97 -31.83 -6.17
N TYR B 70 10.02 -32.56 -5.78
CA TYR B 70 10.78 -33.48 -6.66
C TYR B 70 10.06 -34.83 -6.76
N GLU B 71 9.44 -35.32 -5.68
CA GLU B 71 8.71 -36.62 -5.71
C GLU B 71 7.62 -36.53 -6.80
N LYS B 72 6.82 -35.45 -6.79
CA LYS B 72 5.78 -35.14 -7.80
C LYS B 72 6.37 -35.20 -9.21
N LEU B 73 7.62 -34.75 -9.37
CA LEU B 73 8.39 -34.84 -10.64
C LEU B 73 8.81 -36.30 -10.88
N LYS B 74 9.35 -36.98 -9.86
CA LYS B 74 9.86 -38.39 -9.93
C LYS B 74 8.73 -39.33 -10.38
N TYR B 75 7.49 -39.08 -9.96
CA TYR B 75 6.33 -39.98 -10.21
C TYR B 75 5.77 -39.72 -11.61
N LYS B 76 6.05 -38.56 -12.22
CA LYS B 76 5.65 -38.26 -13.63
C LYS B 76 6.76 -38.67 -14.60
N ARG B 77 8.03 -38.46 -14.23
CA ARG B 77 9.24 -38.66 -15.09
C ARG B 77 9.39 -40.13 -15.47
N CYS B 78 9.38 -41.04 -14.47
CA CYS B 78 9.49 -42.52 -14.66
C CYS B 78 8.31 -43.03 -15.52
N LYS B 79 7.07 -42.77 -15.08
CA LYS B 79 5.80 -43.13 -15.78
C LYS B 79 5.83 -42.68 -17.25
N TYR B 80 6.96 -42.18 -17.75
CA TYR B 80 7.21 -41.89 -19.18
C TYR B 80 8.46 -42.65 -19.62
N LEU B 98 20.60 -33.65 -4.45
CA LEU B 98 19.76 -33.35 -5.64
C LEU B 98 20.15 -31.98 -6.21
N GLN B 99 20.38 -31.91 -7.52
CA GLN B 99 20.92 -30.72 -8.22
C GLN B 99 20.12 -30.49 -9.51
N ASN B 100 20.55 -29.53 -10.32
CA ASN B 100 19.91 -29.19 -11.62
C ASN B 100 20.86 -29.63 -12.74
N VAL B 101 20.30 -29.88 -13.93
CA VAL B 101 21.08 -30.13 -15.18
C VAL B 101 21.31 -28.80 -15.88
N VAL B 102 22.57 -28.53 -16.26
CA VAL B 102 22.96 -27.31 -17.01
C VAL B 102 23.73 -27.74 -18.27
N VAL B 103 23.24 -27.31 -19.43
CA VAL B 103 23.63 -27.76 -20.80
C VAL B 103 24.33 -26.60 -21.50
N MET B 104 25.60 -26.77 -21.87
CA MET B 104 26.39 -25.74 -22.61
C MET B 104 26.71 -26.24 -24.03
N GLY B 105 27.41 -25.41 -24.80
CA GLY B 105 28.09 -25.74 -26.06
C GLY B 105 29.56 -25.39 -25.95
N ARG B 106 30.43 -26.20 -26.55
CA ARG B 106 31.90 -26.11 -26.36
C ARG B 106 32.29 -24.65 -26.10
N THR B 107 32.05 -23.77 -27.07
CA THR B 107 32.47 -22.33 -27.05
C THR B 107 31.81 -21.63 -25.84
N ASN B 108 30.63 -22.09 -25.41
CA ASN B 108 29.99 -21.67 -24.13
C ASN B 108 30.74 -22.34 -22.96
N TRP B 109 30.89 -23.67 -22.97
CA TRP B 109 31.69 -24.39 -21.94
C TRP B 109 33.09 -23.78 -21.82
N GLU B 110 33.72 -23.45 -22.95
CA GLU B 110 35.13 -22.99 -23.05
C GLU B 110 35.27 -21.61 -22.41
N SER B 111 34.52 -20.62 -22.91
CA SER B 111 34.56 -19.18 -22.54
C SER B 111 34.56 -18.97 -21.01
N ILE B 112 34.13 -19.96 -20.23
CA ILE B 112 34.12 -19.91 -18.73
C ILE B 112 35.57 -19.83 -18.24
N PRO B 113 35.94 -18.81 -17.44
CA PRO B 113 37.23 -18.80 -16.76
C PRO B 113 37.43 -20.04 -15.85
N LYS B 114 38.18 -21.02 -16.38
CA LYS B 114 38.95 -22.09 -15.69
C LYS B 114 38.53 -22.28 -14.22
N LYS B 115 38.94 -21.36 -13.33
CA LYS B 115 39.00 -21.54 -11.85
C LYS B 115 37.63 -21.99 -11.28
N PHE B 116 36.51 -21.78 -12.00
CA PHE B 116 35.20 -22.44 -11.72
C PHE B 116 34.79 -23.28 -12.94
N LYS B 117 35.16 -24.58 -12.92
CA LYS B 117 34.61 -25.69 -13.76
C LYS B 117 34.87 -27.01 -13.02
N PRO B 118 33.84 -27.80 -12.65
CA PRO B 118 32.45 -27.52 -12.99
C PRO B 118 31.91 -26.29 -12.24
N LEU B 119 30.69 -25.87 -12.61
CA LEU B 119 30.01 -24.69 -12.03
C LEU B 119 29.52 -25.04 -10.63
N SER B 120 30.00 -24.31 -9.62
CA SER B 120 29.65 -24.45 -8.17
C SER B 120 28.46 -25.40 -8.01
N ASN B 121 28.74 -26.71 -8.02
CA ASN B 121 27.81 -27.84 -7.72
C ASN B 121 26.53 -27.73 -8.57
N ARG B 122 26.66 -27.97 -9.89
CA ARG B 122 25.54 -28.35 -10.80
C ARG B 122 26.01 -29.50 -11.72
N ILE B 123 25.09 -30.32 -12.22
CA ILE B 123 25.38 -31.44 -13.17
C ILE B 123 25.74 -30.81 -14.51
N ASN B 124 27.04 -30.58 -14.75
CA ASN B 124 27.60 -29.94 -15.98
C ASN B 124 27.51 -30.93 -17.15
N VAL B 125 27.26 -30.42 -18.36
CA VAL B 125 26.87 -31.19 -19.58
C VAL B 125 27.15 -30.32 -20.79
N ILE B 126 27.69 -30.90 -21.87
CA ILE B 126 28.19 -30.15 -23.07
C ILE B 126 27.75 -30.87 -24.35
N LEU B 127 26.82 -30.29 -25.10
CA LEU B 127 26.62 -30.63 -26.54
C LEU B 127 27.92 -30.32 -27.29
N SER B 128 28.41 -31.28 -28.09
CA SER B 128 29.61 -31.17 -28.96
C SER B 128 29.59 -32.25 -30.05
N ARG B 129 30.34 -32.02 -31.14
CA ARG B 129 30.63 -33.01 -32.21
C ARG B 129 32.04 -33.58 -31.98
N THR B 130 33.08 -32.74 -32.03
CA THR B 130 34.51 -33.15 -31.95
C THR B 130 35.02 -33.06 -30.51
N LEU B 131 34.20 -33.48 -29.52
CA LEU B 131 34.63 -33.65 -28.11
C LEU B 131 34.05 -34.96 -27.60
N LYS B 132 34.91 -35.91 -27.19
CA LYS B 132 34.52 -37.26 -26.66
C LYS B 132 34.62 -37.23 -25.13
N LYS B 133 33.83 -38.06 -24.44
CA LYS B 133 33.52 -37.96 -22.98
C LYS B 133 34.73 -38.42 -22.14
N GLU B 134 35.77 -38.93 -22.79
CA GLU B 134 37.01 -39.47 -22.17
C GLU B 134 37.83 -38.33 -21.55
N ASP B 135 38.16 -37.29 -22.34
CA ASP B 135 39.21 -36.28 -22.01
C ASP B 135 38.65 -35.17 -21.09
N PHE B 136 37.47 -35.38 -20.49
CA PHE B 136 36.95 -34.63 -19.30
C PHE B 136 36.54 -35.68 -18.24
N ASP B 137 36.03 -35.24 -17.08
CA ASP B 137 35.88 -36.06 -15.84
C ASP B 137 34.77 -37.11 -16.00
N GLU B 138 34.20 -37.57 -14.87
CA GLU B 138 33.15 -38.64 -14.74
C GLU B 138 31.82 -38.03 -14.25
N ASP B 139 31.78 -36.71 -14.00
CA ASP B 139 30.56 -35.93 -13.67
C ASP B 139 30.05 -35.16 -14.90
N VAL B 140 30.97 -34.78 -15.79
CA VAL B 140 30.81 -33.70 -16.79
C VAL B 140 30.32 -34.31 -18.11
N TYR B 141 29.09 -34.85 -18.12
CA TYR B 141 28.53 -35.71 -19.20
C TYR B 141 28.51 -34.95 -20.52
N ILE B 142 29.24 -35.43 -21.54
CA ILE B 142 29.17 -34.90 -22.94
C ILE B 142 28.00 -35.57 -23.64
N ILE B 143 27.44 -34.93 -24.67
CA ILE B 143 26.33 -35.46 -25.50
C ILE B 143 26.72 -35.29 -26.97
N ASN B 144 26.24 -36.21 -27.81
CA ASN B 144 26.52 -36.30 -29.26
C ASN B 144 25.62 -35.29 -29.99
N LYS B 145 24.30 -35.48 -29.90
CA LYS B 145 23.28 -34.66 -30.60
C LYS B 145 22.22 -34.18 -29.59
N VAL B 146 21.24 -33.40 -30.08
CA VAL B 146 20.10 -32.81 -29.31
C VAL B 146 19.21 -33.97 -28.81
N GLU B 147 19.06 -35.00 -29.64
CA GLU B 147 18.11 -36.13 -29.42
C GLU B 147 18.71 -37.07 -28.36
N ASP B 148 20.03 -36.96 -28.12
CA ASP B 148 20.81 -37.83 -27.19
C ASP B 148 20.84 -37.24 -25.77
N LEU B 149 20.09 -36.17 -25.48
CA LEU B 149 19.97 -35.57 -24.12
C LEU B 149 18.82 -36.23 -23.36
N ILE B 150 17.69 -36.48 -24.04
CA ILE B 150 16.49 -37.12 -23.45
C ILE B 150 16.91 -38.49 -22.87
N VAL B 151 17.77 -39.21 -23.58
CA VAL B 151 18.47 -40.44 -23.09
C VAL B 151 19.03 -40.13 -21.69
N LEU B 152 19.94 -39.14 -21.62
CA LEU B 152 20.77 -38.82 -20.42
C LEU B 152 19.91 -38.41 -19.22
N LEU B 153 18.70 -37.88 -19.45
CA LEU B 153 17.86 -37.31 -18.36
C LEU B 153 17.05 -38.42 -17.69
N GLY B 154 16.35 -39.24 -18.49
CA GLY B 154 15.56 -40.40 -18.04
C GLY B 154 16.34 -41.31 -17.11
N LYS B 155 17.69 -41.27 -17.18
CA LYS B 155 18.61 -42.09 -16.36
C LYS B 155 19.29 -41.26 -15.26
N LEU B 156 18.77 -40.06 -14.92
CA LEU B 156 19.46 -39.12 -13.99
C LEU B 156 18.54 -38.63 -12.86
N ASN B 157 19.15 -38.13 -11.78
CA ASN B 157 18.47 -37.54 -10.58
C ASN B 157 18.82 -36.05 -10.48
N TYR B 158 17.97 -35.20 -11.05
CA TYR B 158 18.11 -33.72 -11.20
C TYR B 158 16.76 -33.07 -10.91
N TYR B 159 16.74 -31.78 -10.55
CA TYR B 159 15.49 -31.00 -10.32
C TYR B 159 14.87 -30.57 -11.67
N LYS B 160 15.55 -29.67 -12.39
CA LYS B 160 15.12 -29.09 -13.71
C LYS B 160 16.32 -28.99 -14.68
N CYS B 161 16.06 -28.73 -15.95
CA CYS B 161 17.12 -28.70 -17.01
C CYS B 161 17.20 -27.31 -17.65
N PHE B 162 18.34 -26.63 -17.44
CA PHE B 162 18.62 -25.25 -17.91
C PHE B 162 19.57 -25.31 -19.10
N ILE B 163 19.10 -24.92 -20.28
CA ILE B 163 19.95 -24.65 -21.49
C ILE B 163 20.65 -23.30 -21.26
N LEU B 164 21.97 -23.31 -21.05
CA LEU B 164 22.78 -22.10 -20.80
C LEU B 164 23.12 -21.34 -22.08
N GLY B 165 22.84 -21.92 -23.27
CA GLY B 165 23.22 -21.40 -24.60
C GLY B 165 24.53 -22.02 -25.07
N GLY B 166 25.20 -21.44 -26.08
CA GLY B 166 24.94 -20.12 -26.66
C GLY B 166 24.09 -20.18 -27.93
N SER B 167 24.50 -19.41 -28.94
CA SER B 167 23.66 -19.05 -30.11
C SER B 167 23.04 -20.32 -30.68
N VAL B 168 23.87 -21.19 -31.25
CA VAL B 168 23.47 -22.42 -32.01
C VAL B 168 22.66 -23.34 -31.07
N VAL B 169 23.10 -23.52 -29.82
CA VAL B 169 22.43 -24.42 -28.82
C VAL B 169 20.95 -24.00 -28.63
N TYR B 170 20.72 -22.74 -28.23
CA TYR B 170 19.38 -22.10 -28.11
C TYR B 170 18.55 -22.33 -29.40
N GLN B 171 19.15 -22.06 -30.56
CA GLN B 171 18.48 -22.13 -31.90
C GLN B 171 17.87 -23.52 -32.05
N GLU B 172 18.70 -24.56 -31.87
CA GLU B 172 18.38 -26.00 -32.07
C GLU B 172 17.32 -26.45 -31.04
N PHE B 173 17.56 -26.14 -29.76
CA PHE B 173 16.68 -26.49 -28.62
C PHE B 173 15.30 -25.81 -28.74
N LEU B 174 15.23 -24.64 -29.40
CA LEU B 174 13.97 -23.87 -29.59
C LEU B 174 13.25 -24.39 -30.84
N GLU B 175 14.01 -24.62 -31.91
CA GLU B 175 13.52 -25.20 -33.21
C GLU B 175 12.80 -26.53 -32.95
N LYS B 176 13.31 -27.34 -32.01
CA LYS B 176 12.77 -28.68 -31.66
C LYS B 176 11.86 -28.59 -30.41
N LYS B 177 11.07 -27.50 -30.29
CA LYS B 177 10.09 -27.23 -29.20
C LYS B 177 10.43 -28.06 -27.95
N LEU B 178 11.66 -27.91 -27.45
CA LEU B 178 12.20 -28.60 -26.24
C LEU B 178 12.06 -27.70 -25.01
N ILE B 179 12.12 -26.37 -25.20
CA ILE B 179 12.16 -25.33 -24.12
C ILE B 179 10.74 -25.02 -23.66
N LYS B 180 10.50 -25.02 -22.35
CA LYS B 180 9.18 -24.65 -21.77
C LYS B 180 9.21 -23.14 -21.41
N LYS B 181 9.56 -22.79 -20.17
CA LYS B 181 9.85 -21.39 -19.77
C LYS B 181 11.22 -20.96 -20.32
N ILE B 182 11.42 -19.64 -20.47
CA ILE B 182 12.68 -18.94 -20.87
C ILE B 182 12.94 -17.82 -19.86
N TYR B 183 14.07 -17.89 -19.14
CA TYR B 183 14.50 -16.93 -18.11
C TYR B 183 15.35 -15.85 -18.79
N PHE B 184 14.67 -14.84 -19.37
CA PHE B 184 15.22 -13.80 -20.27
C PHE B 184 15.56 -12.55 -19.46
N THR B 185 16.86 -12.22 -19.39
CA THR B 185 17.39 -10.99 -18.76
C THR B 185 17.52 -9.95 -19.88
N ARG B 186 16.84 -8.79 -19.74
CA ARG B 186 16.84 -7.69 -20.72
C ARG B 186 17.86 -6.65 -20.27
N ILE B 187 18.98 -6.55 -20.99
CA ILE B 187 20.15 -5.70 -20.65
C ILE B 187 19.88 -4.40 -21.42
N ASN B 188 19.53 -3.31 -20.73
CA ASN B 188 19.04 -2.08 -21.41
C ASN B 188 20.23 -1.15 -21.65
N SER B 189 21.16 -1.61 -22.50
CA SER B 189 22.33 -0.86 -23.02
C SER B 189 22.80 -1.54 -24.30
N THR B 190 23.47 -0.79 -25.19
CA THR B 190 23.87 -1.24 -26.55
C THR B 190 25.33 -1.71 -26.48
N TYR B 191 25.70 -2.81 -27.15
CA TYR B 191 27.10 -3.34 -27.23
C TYR B 191 27.39 -3.97 -28.60
N GLU B 192 28.68 -4.17 -28.89
CA GLU B 192 29.13 -4.79 -30.16
C GLU B 192 28.98 -6.30 -29.99
N CYS B 193 28.25 -6.96 -30.90
CA CYS B 193 27.82 -8.39 -30.84
C CYS B 193 28.11 -9.12 -32.16
N ASP B 194 28.61 -10.36 -32.10
CA ASP B 194 28.86 -11.24 -33.29
C ASP B 194 27.91 -12.45 -33.27
N VAL B 195 26.95 -12.52 -32.34
CA VAL B 195 26.04 -13.70 -32.14
C VAL B 195 24.75 -13.23 -31.47
N PHE B 196 23.61 -13.85 -31.83
CA PHE B 196 22.24 -13.36 -31.50
C PHE B 196 21.30 -14.52 -31.12
N PHE B 197 20.52 -14.30 -30.06
CA PHE B 197 19.36 -15.13 -29.68
C PHE B 197 18.38 -15.14 -30.85
N PRO B 198 17.65 -16.25 -31.12
CA PRO B 198 16.65 -16.25 -32.19
C PRO B 198 15.41 -15.43 -31.84
N GLU B 199 14.70 -14.94 -32.86
CA GLU B 199 13.47 -14.12 -32.74
C GLU B 199 12.37 -15.01 -32.14
N ILE B 200 12.19 -14.95 -30.81
CA ILE B 200 11.20 -15.80 -30.11
C ILE B 200 9.82 -15.52 -30.71
N ASN B 201 9.22 -16.54 -31.32
CA ASN B 201 7.88 -16.48 -31.96
C ASN B 201 6.82 -16.19 -30.89
N GLU B 202 6.12 -15.06 -30.99
CA GLU B 202 5.23 -14.53 -29.93
C GLU B 202 3.84 -15.15 -30.02
N ASN B 203 3.56 -15.95 -31.06
CA ASN B 203 2.35 -16.84 -31.12
C ASN B 203 2.72 -18.19 -30.52
N GLU B 204 4.01 -18.56 -30.52
CA GLU B 204 4.57 -19.73 -29.76
C GLU B 204 4.64 -19.41 -28.26
N TYR B 205 5.61 -18.58 -27.85
CA TYR B 205 5.88 -18.23 -26.43
C TYR B 205 5.20 -16.90 -26.06
N GLN B 206 5.21 -16.55 -24.76
CA GLN B 206 4.62 -15.28 -24.26
C GLN B 206 5.09 -14.97 -22.83
N ILE B 207 5.29 -13.68 -22.54
CA ILE B 207 5.80 -13.19 -21.23
C ILE B 207 4.71 -13.37 -20.18
N ILE B 208 5.03 -14.00 -19.05
CA ILE B 208 4.07 -14.25 -17.93
C ILE B 208 4.51 -13.50 -16.66
N SER B 209 5.80 -13.18 -16.54
CA SER B 209 6.34 -12.45 -15.38
C SER B 209 7.38 -11.43 -15.83
N VAL B 210 7.42 -10.29 -15.13
CA VAL B 210 8.43 -9.20 -15.30
C VAL B 210 8.86 -8.78 -13.89
N SER B 211 10.15 -8.64 -13.67
CA SER B 211 10.72 -8.29 -12.34
C SER B 211 10.77 -6.77 -12.15
N ASP B 212 11.15 -6.36 -10.95
CA ASP B 212 11.68 -5.01 -10.64
C ASP B 212 12.79 -4.67 -11.64
N VAL B 213 12.99 -3.38 -11.91
CA VAL B 213 14.12 -2.79 -12.67
C VAL B 213 15.23 -2.40 -11.69
N TYR B 214 16.46 -2.56 -12.13
CA TYR B 214 17.70 -2.59 -11.31
C TYR B 214 18.79 -1.88 -12.09
N THR B 215 19.75 -1.28 -11.39
CA THR B 215 21.03 -0.79 -11.98
C THR B 215 22.12 -1.75 -11.50
N SER B 216 22.83 -2.37 -12.43
CA SER B 216 24.13 -3.04 -12.18
C SER B 216 25.13 -2.53 -13.21
N ASN B 217 26.32 -2.15 -12.75
CA ASN B 217 27.51 -1.86 -13.61
C ASN B 217 27.13 -0.86 -14.69
N ASN B 218 26.39 0.18 -14.33
CA ASN B 218 26.16 1.38 -15.18
C ASN B 218 25.25 1.01 -16.34
N THR B 219 24.35 0.04 -16.15
CA THR B 219 23.22 -0.25 -17.06
C THR B 219 21.98 -0.58 -16.21
N THR B 220 20.81 -0.26 -16.75
CA THR B 220 19.51 -0.79 -16.28
C THR B 220 19.32 -2.15 -16.90
N LEU B 221 18.64 -3.02 -16.18
CA LEU B 221 18.22 -4.36 -16.66
C LEU B 221 16.95 -4.77 -15.91
N ASP B 222 16.23 -5.74 -16.47
CA ASP B 222 15.18 -6.48 -15.73
C ASP B 222 15.17 -7.93 -16.21
N PHE B 223 14.38 -8.73 -15.50
CA PHE B 223 14.29 -10.20 -15.59
C PHE B 223 12.86 -10.52 -15.97
N ILE B 224 12.68 -11.17 -17.12
CA ILE B 224 11.33 -11.58 -17.59
C ILE B 224 11.33 -13.09 -17.84
N ILE B 225 10.12 -13.63 -18.00
CA ILE B 225 9.85 -15.09 -18.08
C ILE B 225 8.89 -15.31 -19.24
N TYR B 226 9.38 -15.93 -20.33
CA TYR B 226 8.51 -16.46 -21.42
C TYR B 226 8.08 -17.88 -21.05
N LYS B 227 6.76 -18.16 -20.98
CA LYS B 227 6.20 -19.55 -20.92
C LYS B 227 5.69 -19.96 -22.31
N LYS B 228 5.84 -21.25 -22.64
CA LYS B 228 5.21 -21.84 -23.86
C LYS B 228 3.71 -21.88 -23.60
N THR B 229 2.90 -21.57 -24.61
CA THR B 229 1.42 -21.46 -24.52
C THR B 229 0.78 -22.85 -24.42
N ASN B 230 -0.41 -22.90 -23.79
CA ASN B 230 -1.30 -24.09 -23.70
C ASN B 230 -2.09 -24.21 -25.00
N ASP B 283 -0.48 -26.61 7.23
CA ASP B 283 -1.74 -25.99 7.76
C ASP B 283 -2.47 -25.27 6.63
N ASP B 284 -3.75 -25.61 6.42
CA ASP B 284 -4.71 -24.77 5.65
C ASP B 284 -6.05 -24.72 6.41
N GLU B 285 -5.97 -24.88 7.74
CA GLU B 285 -6.92 -24.27 8.72
C GLU B 285 -7.02 -22.78 8.35
N GLU B 286 -5.85 -22.17 8.13
CA GLU B 286 -5.61 -20.72 7.90
C GLU B 286 -6.09 -20.30 6.50
N GLU B 287 -6.22 -21.23 5.55
CA GLU B 287 -6.71 -20.94 4.18
C GLU B 287 -8.24 -20.83 4.18
N ASP B 288 -8.94 -21.57 5.05
CA ASP B 288 -10.41 -21.41 5.22
C ASP B 288 -10.68 -20.11 6.01
N ASP B 289 -10.01 -19.92 7.15
CA ASP B 289 -10.03 -18.65 7.91
C ASP B 289 -9.93 -17.43 6.97
N PHE B 290 -9.08 -17.50 5.95
CA PHE B 290 -8.97 -16.44 4.90
C PHE B 290 -10.35 -16.20 4.25
N VAL B 291 -11.08 -17.25 3.87
CA VAL B 291 -12.35 -17.18 3.11
C VAL B 291 -13.43 -16.57 4.01
N TYR B 292 -13.54 -17.06 5.25
CA TYR B 292 -14.50 -16.51 6.25
C TYR B 292 -14.31 -14.99 6.34
N PHE B 293 -13.05 -14.52 6.43
CA PHE B 293 -12.75 -13.08 6.68
C PHE B 293 -13.25 -12.26 5.49
N ASN B 294 -13.46 -12.91 4.34
CA ASN B 294 -13.89 -12.29 3.05
C ASN B 294 -15.41 -12.38 2.87
N PHE B 295 -16.15 -12.78 3.91
CA PHE B 295 -17.60 -13.08 3.85
C PHE B 295 -18.47 -11.90 3.40
N ASN B 296 -17.95 -10.66 3.35
CA ASN B 296 -18.76 -9.43 3.14
C ASN B 296 -18.56 -8.82 1.73
N LYS B 297 -17.59 -9.28 0.95
CA LYS B 297 -17.06 -8.52 -0.23
C LYS B 297 -18.16 -8.22 -1.25
N GLU B 298 -18.06 -7.06 -1.90
CA GLU B 298 -18.93 -6.61 -3.03
C GLU B 298 -18.26 -7.04 -4.34
N LYS B 299 -18.03 -8.36 -4.52
CA LYS B 299 -17.45 -8.95 -5.76
C LYS B 299 -17.95 -10.40 -5.93
N GLU B 300 -19.17 -10.56 -6.47
CA GLU B 300 -19.76 -11.83 -6.98
C GLU B 300 -19.73 -11.83 -8.52
N GLU B 301 -19.15 -10.77 -9.11
CA GLU B 301 -18.95 -10.53 -10.58
C GLU B 301 -20.22 -9.89 -11.17
N LYS B 302 -20.40 -8.57 -11.03
CA LYS B 302 -21.61 -7.79 -11.44
C LYS B 302 -21.28 -6.61 -12.37
N ASN B 303 -20.02 -6.50 -12.84
CA ASN B 303 -19.54 -5.44 -13.79
C ASN B 303 -19.73 -4.05 -13.14
N LYS B 304 -18.82 -3.67 -12.23
CA LYS B 304 -18.94 -2.44 -11.39
C LYS B 304 -19.01 -1.24 -12.33
N ASN B 305 -17.98 -1.08 -13.16
CA ASN B 305 -17.96 -0.15 -14.33
C ASN B 305 -17.99 -1.00 -15.61
N SER B 306 -18.50 -0.43 -16.72
CA SER B 306 -18.77 -1.10 -18.03
C SER B 306 -17.46 -1.45 -18.75
N ILE B 307 -16.50 -2.05 -18.02
CA ILE B 307 -15.12 -2.37 -18.49
C ILE B 307 -14.96 -3.89 -18.41
N HIS B 308 -14.69 -4.55 -19.53
CA HIS B 308 -14.89 -6.02 -19.70
C HIS B 308 -13.67 -6.82 -19.23
N PRO B 309 -13.83 -8.15 -19.06
CA PRO B 309 -12.71 -9.02 -18.66
C PRO B 309 -11.67 -9.23 -19.77
N ASN B 310 -12.14 -9.66 -20.95
CA ASN B 310 -11.29 -10.16 -22.08
C ASN B 310 -10.41 -9.05 -22.65
N ASP B 311 -10.63 -7.79 -22.24
CA ASP B 311 -9.90 -6.59 -22.72
C ASP B 311 -8.61 -6.35 -21.93
N PHE B 312 -8.55 -6.74 -20.66
CA PHE B 312 -7.33 -6.72 -19.82
C PHE B 312 -6.70 -8.11 -19.79
N GLN B 313 -6.62 -8.74 -20.97
CA GLN B 313 -6.18 -10.13 -21.14
C GLN B 313 -4.70 -10.21 -20.77
N ILE B 314 -3.83 -9.59 -21.58
CA ILE B 314 -2.37 -9.66 -21.34
C ILE B 314 -2.12 -9.24 -19.88
N TYR B 315 -2.72 -8.12 -19.44
CA TYR B 315 -2.58 -7.52 -18.08
C TYR B 315 -2.92 -8.57 -17.02
N ASN B 316 -4.03 -9.29 -17.18
CA ASN B 316 -4.58 -10.23 -16.14
C ASN B 316 -3.89 -11.59 -16.32
N SER B 317 -3.12 -11.76 -17.40
CA SER B 317 -2.48 -13.04 -17.80
C SER B 317 -1.03 -13.07 -17.34
N LEU B 318 -0.63 -12.06 -16.58
CA LEU B 318 0.72 -12.01 -16.00
C LEU B 318 0.54 -12.44 -14.56
N LYS B 319 1.47 -13.25 -14.06
CA LYS B 319 1.45 -13.79 -12.68
C LYS B 319 2.06 -12.68 -11.81
N TYR B 320 3.34 -12.41 -12.03
CA TYR B 320 4.18 -11.43 -11.29
C TYR B 320 4.39 -10.17 -12.13
N LYS B 321 3.94 -9.02 -11.61
CA LYS B 321 4.03 -7.68 -12.24
C LYS B 321 4.74 -6.73 -11.27
N TYR B 322 6.06 -6.90 -11.17
CA TYR B 322 6.94 -6.22 -10.19
C TYR B 322 7.73 -5.06 -10.85
N HIS B 323 7.64 -4.88 -12.18
CA HIS B 323 8.18 -3.68 -12.88
C HIS B 323 7.54 -2.43 -12.26
N PRO B 324 8.33 -1.40 -11.88
CA PRO B 324 7.79 -0.22 -11.20
C PRO B 324 6.66 0.50 -11.96
N GLU B 325 6.65 0.44 -13.30
CA GLU B 325 5.59 1.03 -14.18
C GLU B 325 4.22 0.43 -13.84
N TYR B 326 4.14 -0.70 -13.15
CA TYR B 326 2.84 -1.33 -12.79
C TYR B 326 2.22 -0.50 -11.67
N GLN B 327 3.01 0.28 -10.96
CA GLN B 327 2.46 1.16 -9.91
C GLN B 327 1.50 2.14 -10.58
N TYR B 328 1.93 2.77 -11.70
CA TYR B 328 1.06 3.63 -12.54
C TYR B 328 -0.07 2.78 -13.14
N LEU B 329 0.24 1.67 -13.83
CA LEU B 329 -0.75 0.88 -14.62
C LEU B 329 -1.86 0.33 -13.73
N ASN B 330 -1.52 -0.14 -12.52
CA ASN B 330 -2.45 -0.73 -11.53
C ASN B 330 -3.40 0.35 -10.99
N ILE B 331 -2.97 1.61 -10.91
CA ILE B 331 -3.88 2.75 -10.55
C ILE B 331 -4.87 2.97 -11.70
N ILE B 332 -4.43 2.99 -12.95
CA ILE B 332 -5.35 3.00 -14.14
C ILE B 332 -6.40 1.89 -13.96
N TYR B 333 -5.96 0.67 -13.65
CA TYR B 333 -6.85 -0.52 -13.53
C TYR B 333 -7.83 -0.30 -12.40
N ASP B 334 -7.34 0.07 -11.21
CA ASP B 334 -8.20 0.26 -10.02
C ASP B 334 -9.27 1.30 -10.36
N ILE B 335 -8.90 2.36 -11.06
CA ILE B 335 -9.84 3.46 -11.31
C ILE B 335 -10.80 3.05 -12.45
N MET B 336 -10.37 2.28 -13.43
CA MET B 336 -11.34 1.76 -14.44
C MET B 336 -12.32 0.78 -13.78
N MET B 337 -11.83 -0.11 -12.92
CA MET B 337 -12.66 -1.18 -12.31
C MET B 337 -13.57 -0.60 -11.23
N ASN B 338 -13.04 0.25 -10.34
CA ASN B 338 -13.68 0.61 -9.05
C ASN B 338 -13.93 2.13 -8.95
N GLY B 339 -13.72 2.89 -10.02
CA GLY B 339 -13.78 4.35 -9.93
C GLY B 339 -15.20 4.87 -9.91
N ASN B 340 -15.39 6.02 -9.28
CA ASN B 340 -16.69 6.72 -9.14
C ASN B 340 -16.93 7.50 -10.43
N LYS B 341 -18.07 7.30 -11.09
CA LYS B 341 -18.55 8.08 -12.26
C LYS B 341 -18.93 9.51 -11.83
N GLN B 342 -18.38 10.52 -12.50
CA GLN B 342 -18.43 11.93 -12.06
C GLN B 342 -18.48 12.85 -13.28
N SER B 343 -19.25 13.93 -13.18
CA SER B 343 -19.13 15.15 -14.01
C SER B 343 -17.86 15.91 -13.59
N ASP B 344 -17.17 16.54 -14.54
CA ASP B 344 -16.17 17.61 -14.22
C ASP B 344 -16.62 18.89 -14.94
N ARG B 345 -15.89 19.98 -14.65
CA ARG B 345 -16.10 21.36 -15.16
C ARG B 345 -16.28 21.31 -16.68
N THR B 346 -15.33 20.67 -17.39
CA THR B 346 -15.32 20.50 -18.87
C THR B 346 -16.60 19.75 -19.32
N GLY B 347 -17.11 18.83 -18.50
CA GLY B 347 -18.33 18.02 -18.78
C GLY B 347 -18.01 16.67 -19.42
N VAL B 348 -16.72 16.39 -19.69
CA VAL B 348 -16.22 15.25 -20.51
C VAL B 348 -16.64 13.93 -19.84
N GLY B 349 -16.57 13.88 -18.52
CA GLY B 349 -16.84 12.64 -17.76
C GLY B 349 -15.54 11.96 -17.37
N VAL B 350 -15.40 11.61 -16.09
CA VAL B 350 -14.19 10.96 -15.49
C VAL B 350 -14.63 9.75 -14.65
N LEU B 351 -13.73 8.80 -14.46
CA LEU B 351 -13.80 7.86 -13.30
C LEU B 351 -12.81 8.38 -12.29
N SER B 352 -13.22 8.57 -11.03
CA SER B 352 -12.34 9.16 -9.98
C SER B 352 -12.20 8.22 -8.78
N LYS B 353 -11.01 8.11 -8.21
CA LYS B 353 -10.79 7.59 -6.83
C LYS B 353 -9.96 8.65 -6.09
N PHE B 354 -9.65 8.44 -4.81
CA PHE B 354 -9.08 9.46 -3.92
C PHE B 354 -8.03 8.85 -2.98
N GLY B 355 -6.75 9.19 -3.16
CA GLY B 355 -5.62 8.83 -2.28
C GLY B 355 -4.88 7.62 -2.81
N TYR B 356 -3.76 7.81 -3.53
CA TYR B 356 -2.79 6.75 -3.93
C TYR B 356 -1.37 7.20 -3.61
N ILE B 357 -0.45 6.26 -3.43
CA ILE B 357 1.02 6.52 -3.35
C ILE B 357 1.65 5.81 -4.55
N MET B 358 2.69 6.37 -5.16
CA MET B 358 3.67 5.66 -6.01
C MET B 358 5.05 5.97 -5.42
N LYS B 359 5.95 4.98 -5.40
CA LYS B 359 7.38 5.18 -5.08
C LYS B 359 8.17 4.60 -6.22
N PHE B 360 9.16 5.35 -6.72
CA PHE B 360 10.09 4.94 -7.79
C PHE B 360 11.47 5.10 -7.19
N ASP B 361 12.38 4.17 -7.48
CA ASP B 361 13.77 4.21 -6.98
C ASP B 361 14.68 4.90 -8.00
N LEU B 362 14.96 6.18 -7.77
CA LEU B 362 15.80 7.02 -8.66
C LEU B 362 17.26 6.53 -8.69
N SER B 363 17.73 5.81 -7.65
CA SER B 363 19.07 5.18 -7.62
C SER B 363 19.17 3.98 -8.58
N GLN B 364 18.05 3.44 -9.08
CA GLN B 364 18.01 2.20 -9.91
C GLN B 364 17.45 2.43 -11.31
N TYR B 365 16.66 3.49 -11.54
CA TYR B 365 16.16 3.84 -12.90
C TYR B 365 15.61 5.28 -12.93
N PHE B 366 15.27 5.71 -14.15
CA PHE B 366 14.52 6.95 -14.38
C PHE B 366 13.14 6.52 -14.83
N PRO B 367 12.09 6.80 -14.03
CA PRO B 367 10.77 6.22 -14.29
C PRO B 367 10.03 6.93 -15.44
N LEU B 368 10.54 6.81 -16.67
CA LEU B 368 9.86 7.39 -17.85
C LEU B 368 9.03 6.28 -18.50
N LEU B 369 7.69 6.38 -18.45
CA LEU B 369 6.77 5.28 -18.82
C LEU B 369 7.22 4.68 -20.16
N THR B 370 7.23 3.36 -20.27
CA THR B 370 7.75 2.64 -21.49
C THR B 370 6.59 2.18 -22.34
N THR B 371 5.38 2.11 -21.77
CA THR B 371 4.18 1.58 -22.45
C THR B 371 3.59 2.60 -23.44
N LYS B 372 4.34 3.65 -23.81
CA LYS B 372 3.99 4.66 -24.85
C LYS B 372 5.11 5.71 -24.99
N LYS B 373 5.27 6.34 -26.16
CA LYS B 373 6.31 7.39 -26.34
C LYS B 373 5.98 8.61 -25.46
N LEU B 374 6.94 9.07 -24.65
CA LEU B 374 6.90 10.37 -23.92
C LEU B 374 8.09 11.26 -24.31
N PHE B 375 7.84 12.56 -24.51
CA PHE B 375 8.86 13.58 -24.87
C PHE B 375 9.08 14.51 -23.66
N LEU B 376 10.32 14.90 -23.39
CA LEU B 376 10.73 15.59 -22.13
C LEU B 376 11.31 16.99 -22.36
N ARG B 377 11.45 17.50 -23.59
CA ARG B 377 12.02 18.85 -23.80
C ARG B 377 11.11 19.90 -23.11
N GLY B 378 9.84 19.94 -23.48
CA GLY B 378 8.83 20.87 -22.94
C GLY B 378 8.88 20.86 -21.42
N ILE B 379 8.69 19.69 -20.81
CA ILE B 379 8.58 19.61 -19.32
C ILE B 379 9.92 19.99 -18.67
N ILE B 380 11.05 19.84 -19.35
CA ILE B 380 12.35 20.32 -18.82
C ILE B 380 12.40 21.87 -18.91
N GLU B 381 11.96 22.47 -20.03
CA GLU B 381 11.82 23.94 -20.19
C GLU B 381 10.87 24.51 -19.11
N GLU B 382 9.68 23.89 -18.91
CA GLU B 382 8.72 24.20 -17.80
C GLU B 382 9.47 24.35 -16.46
N LEU B 383 10.24 23.35 -16.07
CA LEU B 383 11.05 23.30 -14.82
C LEU B 383 12.05 24.46 -14.81
N LEU B 384 12.76 24.71 -15.91
CA LEU B 384 13.82 25.76 -15.95
C LEU B 384 13.12 27.12 -15.79
N TRP B 385 11.92 27.21 -16.32
CA TRP B 385 11.04 28.40 -16.26
C TRP B 385 10.62 28.67 -14.81
N PHE B 386 10.17 27.64 -14.11
CA PHE B 386 9.87 27.68 -12.66
C PHE B 386 11.09 28.24 -11.90
N ILE B 387 12.25 27.59 -12.05
CA ILE B 387 13.49 27.89 -11.27
C ILE B 387 13.83 29.36 -11.48
N ARG B 388 13.67 29.86 -12.72
CA ARG B 388 13.91 31.30 -13.05
C ARG B 388 12.88 32.23 -12.35
N GLY B 389 11.75 31.75 -11.84
CA GLY B 389 10.75 32.63 -11.21
C GLY B 389 9.75 33.19 -12.22
N GLU B 390 9.78 32.70 -13.45
CA GLU B 390 8.95 33.26 -14.54
C GLU B 390 7.48 32.89 -14.35
N THR B 391 6.60 33.81 -14.76
CA THR B 391 5.14 33.62 -14.87
C THR B 391 4.67 34.07 -16.26
N ASN B 392 5.63 34.21 -17.17
CA ASN B 392 5.41 34.77 -18.52
C ASN B 392 5.21 33.58 -19.46
N GLY B 393 3.95 33.25 -19.71
CA GLY B 393 3.59 32.12 -20.59
C GLY B 393 4.28 32.14 -21.96
N ASN B 394 4.72 33.32 -22.43
CA ASN B 394 5.26 33.57 -23.80
C ASN B 394 6.69 33.05 -23.88
N THR B 395 7.43 33.10 -22.77
CA THR B 395 8.81 32.58 -22.77
C THR B 395 8.76 31.12 -23.24
N LEU B 396 7.67 30.41 -22.94
CA LEU B 396 7.53 28.97 -23.30
C LEU B 396 7.04 28.85 -24.74
N LEU B 397 6.12 29.74 -25.14
CA LEU B 397 5.39 29.64 -26.44
C LEU B 397 6.41 29.85 -27.56
N ASN B 398 7.40 30.74 -27.35
CA ASN B 398 8.48 31.07 -28.33
C ASN B 398 9.46 29.90 -28.45
N LYS B 399 9.50 29.00 -27.46
CA LYS B 399 10.29 27.74 -27.46
C LYS B 399 9.39 26.57 -27.86
N ASN B 400 8.17 26.86 -28.29
CA ASN B 400 7.21 25.84 -28.81
C ASN B 400 6.95 24.79 -27.71
N VAL B 401 6.88 25.22 -26.46
CA VAL B 401 6.40 24.45 -25.29
C VAL B 401 5.03 25.04 -24.95
N ARG B 402 3.96 24.28 -25.23
CA ARG B 402 2.56 24.77 -25.28
C ARG B 402 1.80 24.20 -24.08
N ILE B 403 2.51 23.83 -23.03
CA ILE B 403 1.92 23.28 -21.79
C ILE B 403 0.95 24.29 -21.17
N TRP B 404 1.28 25.58 -21.12
CA TRP B 404 0.41 26.63 -20.52
C TRP B 404 -0.25 27.54 -21.58
N GLU B 405 -0.41 27.11 -22.83
CA GLU B 405 -1.03 27.95 -23.89
C GLU B 405 -2.50 28.18 -23.54
N ALA B 406 -3.26 27.11 -23.29
CA ALA B 406 -4.71 27.15 -23.06
C ALA B 406 -5.04 27.99 -21.80
N ASN B 407 -4.14 28.00 -20.81
CA ASN B 407 -4.40 28.58 -19.47
C ASN B 407 -4.09 30.08 -19.49
N GLY B 408 -3.55 30.60 -20.61
CA GLY B 408 -3.23 32.02 -20.77
C GLY B 408 -4.03 32.74 -21.86
N THR B 409 -4.99 32.10 -22.53
CA THR B 409 -5.78 32.78 -23.59
C THR B 409 -6.65 33.89 -22.97
N ARG B 410 -7.03 34.87 -23.76
CA ARG B 410 -8.01 35.90 -23.32
C ARG B 410 -9.24 35.19 -22.75
N GLU B 411 -9.78 34.23 -23.50
CA GLU B 411 -11.05 33.51 -23.20
C GLU B 411 -10.94 32.81 -21.84
N PHE B 412 -9.81 32.17 -21.57
CA PHE B 412 -9.58 31.41 -20.32
C PHE B 412 -9.43 32.36 -19.11
N LEU B 413 -8.59 33.37 -19.26
CA LEU B 413 -8.39 34.36 -18.16
C LEU B 413 -9.71 35.08 -17.84
N ASP B 414 -10.55 35.34 -18.85
CA ASP B 414 -11.88 35.99 -18.68
C ASP B 414 -12.78 35.03 -17.88
N ASN B 415 -12.80 33.73 -18.20
CA ASN B 415 -13.65 32.76 -17.45
C ASN B 415 -13.15 32.69 -16.00
N ARG B 416 -11.87 33.00 -15.76
CA ARG B 416 -11.22 33.02 -14.41
C ARG B 416 -11.54 34.35 -13.68
N LYS B 417 -12.25 35.28 -14.32
CA LYS B 417 -12.53 36.65 -13.82
C LYS B 417 -11.25 37.50 -13.81
N LEU B 418 -10.25 37.12 -14.62
CA LEU B 418 -8.95 37.85 -14.72
C LEU B 418 -8.99 38.77 -15.96
N PHE B 419 -9.96 39.69 -16.00
CA PHE B 419 -10.25 40.59 -17.16
C PHE B 419 -9.11 41.57 -17.35
N HIS B 420 -8.28 41.82 -16.33
CA HIS B 420 -7.27 42.91 -16.36
C HIS B 420 -5.89 42.29 -16.44
N ARG B 421 -5.80 41.03 -16.86
CA ARG B 421 -4.53 40.26 -16.94
C ARG B 421 -4.19 40.04 -18.42
N GLU B 422 -2.96 40.40 -18.82
CA GLU B 422 -2.45 40.21 -20.19
C GLU B 422 -2.39 38.72 -20.52
N VAL B 423 -2.75 38.42 -21.75
CA VAL B 423 -2.67 37.06 -22.34
C VAL B 423 -1.31 36.49 -21.98
N ASN B 424 -1.31 35.25 -21.50
CA ASN B 424 -0.10 34.48 -21.17
C ASN B 424 0.60 35.10 -19.95
N ASP B 425 -0.05 36.02 -19.22
CA ASP B 425 0.40 36.38 -17.85
C ASP B 425 -0.35 35.46 -16.89
N LEU B 426 0.33 34.43 -16.38
CA LEU B 426 -0.35 33.30 -15.71
C LEU B 426 -0.56 33.66 -14.24
N GLY B 427 -0.20 34.88 -13.84
CA GLY B 427 -0.31 35.35 -12.46
C GLY B 427 0.71 34.65 -11.57
N PRO B 428 0.58 34.80 -10.24
CA PRO B 428 1.58 34.30 -9.28
C PRO B 428 1.59 32.78 -9.05
N ILE B 429 2.04 32.03 -10.07
CA ILE B 429 2.05 30.53 -10.11
C ILE B 429 3.43 29.98 -9.65
N TYR B 430 3.60 28.67 -9.75
CA TYR B 430 4.80 27.93 -9.30
C TYR B 430 6.03 28.84 -9.13
N GLY B 431 6.57 29.34 -10.25
CA GLY B 431 7.86 30.06 -10.29
C GLY B 431 7.85 31.25 -9.35
N PHE B 432 6.78 32.03 -9.38
CA PHE B 432 6.59 33.21 -8.52
C PHE B 432 6.63 32.76 -7.07
N GLN B 433 5.91 31.70 -6.77
CA GLN B 433 5.72 31.23 -5.37
C GLN B 433 7.05 30.68 -4.83
N TRP B 434 7.77 29.88 -5.61
CA TRP B 434 9.10 29.28 -5.29
C TRP B 434 10.15 30.35 -4.98
N ARG B 435 10.08 31.52 -5.64
CA ARG B 435 11.16 32.55 -5.57
C ARG B 435 10.72 33.79 -4.76
N HIS B 436 9.41 34.05 -4.61
CA HIS B 436 8.89 35.34 -4.08
C HIS B 436 7.57 35.17 -3.30
N PHE B 437 7.34 34.04 -2.70
CA PHE B 437 6.09 33.77 -1.94
C PHE B 437 5.88 34.94 -1.00
N GLY B 438 4.71 35.58 -1.06
CA GLY B 438 4.27 36.60 -0.10
C GLY B 438 4.37 37.97 -0.70
N ALA B 439 5.10 38.11 -1.81
CA ALA B 439 5.29 39.39 -2.51
C ALA B 439 4.00 39.69 -3.27
N GLU B 440 3.66 40.96 -3.39
CA GLU B 440 2.51 41.47 -4.20
C GLU B 440 2.85 41.29 -5.70
N TYR B 441 2.13 40.41 -6.38
CA TYR B 441 2.20 40.25 -7.87
C TYR B 441 1.59 41.44 -8.59
N THR B 442 2.32 41.95 -9.58
CA THR B 442 1.92 43.17 -10.32
C THR B 442 1.53 42.70 -11.71
N ASN B 443 2.52 42.54 -12.57
CA ASN B 443 2.41 41.88 -13.90
C ASN B 443 3.67 40.99 -14.09
N MET B 444 3.75 40.27 -15.20
CA MET B 444 4.73 39.19 -15.42
C MET B 444 6.07 39.77 -15.89
N TYR B 445 6.18 41.10 -16.09
CA TYR B 445 7.44 41.78 -16.52
C TYR B 445 8.10 42.54 -15.36
N ASP B 446 7.47 42.65 -14.20
CA ASP B 446 8.07 43.44 -13.08
C ASP B 446 9.38 42.79 -12.59
N ASN B 447 10.20 43.58 -11.91
CA ASN B 447 11.40 43.14 -11.15
C ASN B 447 10.93 42.83 -9.73
N TYR B 448 11.15 41.60 -9.25
CA TYR B 448 10.78 41.11 -7.89
C TYR B 448 12.05 40.72 -7.12
N GLU B 449 13.25 41.05 -7.62
CA GLU B 449 14.53 40.75 -6.92
C GLU B 449 14.36 41.08 -5.43
N ASN B 450 14.64 40.10 -4.56
CA ASN B 450 14.73 40.23 -3.08
C ASN B 450 13.39 40.68 -2.50
N LYS B 451 12.28 40.22 -3.09
CA LYS B 451 10.91 40.41 -2.54
C LYS B 451 10.26 39.03 -2.36
N GLY B 452 9.53 38.85 -1.25
CA GLY B 452 8.91 37.58 -0.88
C GLY B 452 9.95 36.53 -0.51
N VAL B 453 9.50 35.33 -0.20
CA VAL B 453 10.39 34.30 0.36
C VAL B 453 10.89 33.43 -0.78
N ASP B 454 12.22 33.36 -0.92
CA ASP B 454 12.89 32.54 -1.95
C ASP B 454 13.03 31.17 -1.33
N GLN B 455 11.91 30.46 -1.32
CA GLN B 455 11.76 29.06 -0.87
C GLN B 455 12.76 28.13 -1.56
N LEU B 456 12.98 28.25 -2.86
CA LEU B 456 13.91 27.32 -3.57
C LEU B 456 15.30 27.45 -2.93
N LYS B 457 15.76 28.67 -2.74
CA LYS B 457 17.07 28.96 -2.08
C LYS B 457 17.06 28.30 -0.69
N ASN B 458 15.94 28.44 -0.01
CA ASN B 458 15.78 28.13 1.42
C ASN B 458 15.83 26.61 1.60
N ILE B 459 15.21 25.82 0.71
CA ILE B 459 15.18 24.35 0.92
C ILE B 459 16.56 23.77 0.57
N ILE B 460 17.28 24.40 -0.34
CA ILE B 460 18.66 24.00 -0.72
C ILE B 460 19.57 24.20 0.51
N ASN B 461 19.61 25.40 1.09
CA ASN B 461 20.43 25.68 2.31
C ASN B 461 20.08 24.68 3.40
N LEU B 462 18.78 24.46 3.64
CA LEU B 462 18.29 23.49 4.66
C LEU B 462 18.84 22.08 4.38
N ILE B 463 18.73 21.61 3.14
CA ILE B 463 19.30 20.32 2.68
C ILE B 463 20.80 20.27 3.01
N LYS B 464 21.56 21.28 2.62
CA LYS B 464 23.04 21.36 2.81
C LYS B 464 23.44 21.55 4.28
N ASN B 465 22.72 22.38 5.04
CA ASN B 465 23.14 22.88 6.37
C ASN B 465 22.33 22.26 7.51
N ASP B 466 21.18 21.62 7.23
CA ASP B 466 20.31 21.07 8.30
C ASP B 466 19.54 19.88 7.76
N PRO B 467 20.22 18.83 7.26
CA PRO B 467 19.55 17.83 6.41
C PRO B 467 18.49 16.98 7.12
N THR B 468 18.53 16.93 8.45
CA THR B 468 17.58 16.18 9.32
C THR B 468 16.34 17.03 9.59
N SER B 469 16.31 18.28 9.12
CA SER B 469 15.15 19.18 9.25
C SER B 469 13.93 18.46 8.69
N ARG B 470 12.79 18.63 9.33
CA ARG B 470 11.52 18.04 8.83
C ARG B 470 10.68 19.16 8.24
N ARG B 471 11.33 20.27 7.83
CA ARG B 471 10.70 21.54 7.46
C ARG B 471 11.12 21.93 6.04
N ILE B 472 11.60 20.96 5.29
CA ILE B 472 12.16 21.18 3.91
C ILE B 472 11.01 20.96 2.93
N LEU B 473 10.08 21.93 2.88
CA LEU B 473 8.91 21.89 1.97
C LEU B 473 9.06 23.03 0.97
N LEU B 474 8.72 22.79 -0.29
CA LEU B 474 8.56 23.83 -1.32
C LEU B 474 7.06 23.85 -1.63
N CYS B 475 6.35 24.91 -1.24
CA CYS B 475 4.87 24.99 -1.31
C CYS B 475 4.52 26.06 -2.34
N ALA B 476 3.69 25.66 -3.30
CA ALA B 476 3.20 26.43 -4.47
C ALA B 476 1.78 26.91 -4.20
N TRP B 477 1.05 26.22 -3.33
CA TRP B 477 -0.33 26.57 -2.92
C TRP B 477 -0.33 27.75 -1.94
N ASN B 478 -0.39 28.98 -2.46
CA ASN B 478 -0.45 30.24 -1.66
C ASN B 478 -1.91 30.71 -1.69
N VAL B 479 -2.63 30.50 -0.60
CA VAL B 479 -4.11 30.71 -0.46
C VAL B 479 -4.45 32.16 -0.83
N LYS B 480 -3.64 33.10 -0.37
CA LYS B 480 -3.86 34.53 -0.70
C LYS B 480 -3.95 34.72 -2.23
N ASP B 481 -3.12 34.07 -3.03
CA ASP B 481 -2.92 34.41 -4.46
C ASP B 481 -3.70 33.45 -5.38
N LEU B 482 -4.40 32.45 -4.86
CA LEU B 482 -5.01 31.41 -5.72
C LEU B 482 -5.82 32.08 -6.84
N ASP B 483 -6.67 33.06 -6.49
CA ASP B 483 -7.63 33.69 -7.42
C ASP B 483 -6.88 34.52 -8.48
N GLN B 484 -5.68 34.98 -8.18
CA GLN B 484 -4.86 35.71 -9.16
C GLN B 484 -4.19 34.74 -10.15
N MET B 485 -4.10 33.45 -9.83
CA MET B 485 -3.40 32.47 -10.71
C MET B 485 -4.35 32.11 -11.86
N ALA B 486 -3.83 31.98 -13.07
CA ALA B 486 -4.53 31.37 -14.21
C ALA B 486 -5.24 30.12 -13.70
N LEU B 487 -4.54 29.27 -12.94
CA LEU B 487 -5.21 28.20 -12.16
C LEU B 487 -4.40 27.80 -10.93
N PRO B 488 -5.04 27.29 -9.88
CA PRO B 488 -4.31 26.85 -8.69
C PRO B 488 -3.38 25.67 -9.02
N PRO B 489 -2.24 25.54 -8.31
CA PRO B 489 -1.24 24.54 -8.64
C PRO B 489 -1.80 23.12 -8.49
N CYS B 490 -1.66 22.31 -9.54
CA CYS B 490 -2.05 20.87 -9.56
C CYS B 490 -1.11 20.17 -8.57
N HIS B 491 0.17 20.59 -8.59
CA HIS B 491 1.24 20.09 -7.68
C HIS B 491 1.37 20.99 -6.43
N ILE B 492 0.83 20.57 -5.30
CA ILE B 492 0.71 21.41 -4.07
C ILE B 492 2.10 21.69 -3.52
N LEU B 493 2.87 20.64 -3.26
CA LEU B 493 4.14 20.83 -2.50
C LEU B 493 5.09 19.66 -2.72
N CYS B 494 6.39 19.94 -2.57
CA CYS B 494 7.48 18.95 -2.46
C CYS B 494 7.97 18.98 -1.02
N GLN B 495 8.07 17.83 -0.36
CA GLN B 495 8.82 17.68 0.91
C GLN B 495 10.03 16.80 0.62
N PHE B 496 11.19 17.18 1.17
CA PHE B 496 12.50 16.56 0.91
C PHE B 496 12.94 15.90 2.21
N TYR B 497 13.71 14.82 2.12
CA TYR B 497 14.19 13.99 3.26
C TYR B 497 15.62 13.61 2.91
N VAL B 498 16.51 13.59 3.90
CA VAL B 498 17.96 13.36 3.69
C VAL B 498 18.47 12.30 4.66
N PHE B 499 19.10 11.24 4.18
CA PHE B 499 19.78 10.23 5.02
C PHE B 499 20.96 9.59 4.29
N ASP B 500 22.13 9.53 4.94
CA ASP B 500 23.34 8.83 4.43
C ASP B 500 23.62 9.32 3.01
N GLY B 501 23.81 10.64 2.87
CA GLY B 501 24.12 11.34 1.60
C GLY B 501 23.14 11.03 0.49
N LYS B 502 21.86 10.75 0.80
CA LYS B 502 20.78 10.38 -0.18
C LYS B 502 19.56 11.29 0.01
N LEU B 503 18.93 11.74 -1.08
CA LEU B 503 17.79 12.70 -1.05
C LEU B 503 16.54 12.03 -1.63
N SER B 504 15.48 11.94 -0.83
CA SER B 504 14.14 11.50 -1.28
C SER B 504 13.17 12.69 -1.31
N CYS B 505 12.13 12.60 -2.13
CA CYS B 505 11.16 13.70 -2.36
C CYS B 505 9.75 13.12 -2.44
N ILE B 506 8.82 13.78 -1.75
CA ILE B 506 7.37 13.51 -1.88
C ILE B 506 6.77 14.70 -2.62
N MET B 507 6.08 14.45 -3.72
CA MET B 507 5.21 15.49 -4.31
C MET B 507 3.76 15.08 -4.04
N TYR B 508 2.99 15.97 -3.43
CA TYR B 508 1.53 15.84 -3.24
C TYR B 508 0.81 16.57 -4.37
N GLN B 509 -0.02 15.85 -5.13
CA GLN B 509 -0.72 16.40 -6.32
C GLN B 509 -2.22 16.38 -6.05
N ARG B 510 -2.86 17.53 -5.96
CA ARG B 510 -4.29 17.61 -5.54
C ARG B 510 -5.23 16.98 -6.59
N SER B 511 -4.79 16.97 -7.85
CA SER B 511 -5.60 16.61 -9.02
C SER B 511 -4.67 16.02 -10.06
N CYS B 512 -5.00 14.83 -10.54
CA CYS B 512 -4.14 13.96 -11.37
C CYS B 512 -4.98 13.38 -12.49
N ASP B 513 -4.66 13.83 -13.70
CA ASP B 513 -5.10 13.24 -14.98
C ASP B 513 -4.18 12.06 -15.26
N LEU B 514 -4.62 10.84 -14.96
CA LEU B 514 -3.75 9.64 -15.04
C LEU B 514 -3.35 9.35 -16.49
N GLY B 515 -4.22 9.71 -17.44
CA GLY B 515 -4.04 9.38 -18.86
C GLY B 515 -2.99 10.26 -19.51
N LEU B 516 -3.13 11.58 -19.38
CA LEU B 516 -2.25 12.58 -20.06
C LEU B 516 -1.23 13.16 -19.10
N GLY B 517 -1.63 13.53 -17.88
CA GLY B 517 -0.84 14.38 -16.97
C GLY B 517 0.19 13.58 -16.21
N VAL B 518 -0.29 12.65 -15.38
CA VAL B 518 0.54 11.92 -14.38
C VAL B 518 1.84 11.41 -14.99
N PRO B 519 1.89 10.80 -16.20
CA PRO B 519 3.16 10.31 -16.74
C PRO B 519 4.19 11.45 -16.86
N PHE B 520 3.79 12.61 -17.40
CA PHE B 520 4.63 13.83 -17.40
C PHE B 520 4.98 14.25 -15.97
N ASN B 521 4.07 14.13 -15.01
CA ASN B 521 4.28 14.68 -13.64
C ASN B 521 5.35 13.84 -12.93
N ILE B 522 5.25 12.51 -13.02
CA ILE B 522 6.31 11.59 -12.53
C ILE B 522 7.66 12.05 -13.08
N ALA B 523 7.80 12.24 -14.40
CA ALA B 523 9.10 12.61 -15.02
C ALA B 523 9.59 13.97 -14.49
N SER B 524 8.72 14.99 -14.45
CA SER B 524 9.03 16.37 -13.98
C SER B 524 9.73 16.37 -12.63
N TYR B 525 9.13 15.76 -11.62
CA TYR B 525 9.60 15.86 -10.22
C TYR B 525 10.74 14.86 -10.00
N SER B 526 10.79 13.78 -10.76
CA SER B 526 11.99 12.90 -10.75
C SER B 526 13.20 13.73 -11.21
N ILE B 527 13.12 14.39 -12.37
CA ILE B 527 14.22 15.27 -12.86
C ILE B 527 14.53 16.29 -11.76
N PHE B 528 13.49 16.92 -11.22
CA PHE B 528 13.65 17.97 -10.19
C PHE B 528 14.42 17.36 -9.01
N THR B 529 14.02 16.17 -8.62
CA THR B 529 14.67 15.49 -7.48
C THR B 529 16.16 15.31 -7.75
N HIS B 530 16.52 14.92 -8.98
CA HIS B 530 17.93 14.81 -9.43
C HIS B 530 18.60 16.18 -9.33
N MET B 531 17.96 17.23 -9.84
CA MET B 531 18.61 18.56 -9.94
C MET B 531 18.95 19.00 -8.51
N ILE B 532 17.98 18.97 -7.59
CA ILE B 532 18.23 19.36 -6.16
C ILE B 532 19.34 18.48 -5.62
N ALA B 533 19.27 17.17 -5.87
CA ALA B 533 20.26 16.20 -5.37
C ALA B 533 21.63 16.70 -5.79
N GLN B 534 21.82 16.92 -7.09
CA GLN B 534 23.17 17.19 -7.64
C GLN B 534 23.75 18.43 -6.95
N VAL B 535 23.02 19.55 -6.92
CA VAL B 535 23.54 20.88 -6.51
C VAL B 535 23.78 20.91 -4.98
N CYS B 536 23.42 19.84 -4.29
CA CYS B 536 23.60 19.64 -2.82
C CYS B 536 24.61 18.51 -2.52
N ASN B 537 25.20 17.88 -3.54
CA ASN B 537 26.17 16.76 -3.44
C ASN B 537 25.55 15.61 -2.66
N LEU B 538 24.37 15.16 -3.14
CA LEU B 538 23.64 13.99 -2.61
C LEU B 538 23.27 13.08 -3.79
N GLN B 539 23.04 11.81 -3.51
CA GLN B 539 22.53 10.84 -4.51
C GLN B 539 21.02 10.87 -4.41
N PRO B 540 20.31 10.87 -5.55
CA PRO B 540 18.84 10.76 -5.52
C PRO B 540 18.51 9.34 -5.08
N ALA B 541 17.52 9.22 -4.17
CA ALA B 541 16.95 7.95 -3.69
C ALA B 541 15.54 7.82 -4.25
N GLN B 542 14.52 8.10 -3.45
CA GLN B 542 13.12 7.82 -3.83
C GLN B 542 12.39 9.11 -4.23
N PHE B 543 11.69 9.08 -5.36
CA PHE B 543 10.60 10.04 -5.68
C PHE B 543 9.28 9.38 -5.35
N ILE B 544 8.52 9.99 -4.45
CA ILE B 544 7.22 9.49 -3.90
C ILE B 544 6.13 10.46 -4.35
N HIS B 545 5.13 9.94 -5.04
CA HIS B 545 4.07 10.70 -5.72
C HIS B 545 2.78 10.34 -5.00
N VAL B 546 2.23 11.26 -4.21
CA VAL B 546 0.93 11.14 -3.50
C VAL B 546 -0.14 11.79 -4.38
N LEU B 547 -1.11 11.00 -4.86
CA LEU B 547 -2.23 11.50 -5.70
C LEU B 547 -3.40 11.73 -4.77
N GLY B 548 -3.98 12.93 -4.80
CA GLY B 548 -5.25 13.25 -4.15
C GLY B 548 -6.38 12.79 -5.03
N ASN B 549 -7.01 13.69 -5.79
CA ASN B 549 -8.13 13.36 -6.71
C ASN B 549 -7.54 12.71 -7.97
N ALA B 550 -7.65 11.40 -8.07
CA ALA B 550 -6.99 10.63 -9.16
C ALA B 550 -8.09 10.28 -10.17
N HIS B 551 -8.05 10.87 -11.36
CA HIS B 551 -9.16 10.69 -12.33
C HIS B 551 -8.63 10.22 -13.68
N VAL B 552 -9.41 9.35 -14.31
CA VAL B 552 -9.24 8.94 -15.74
C VAL B 552 -10.42 9.51 -16.50
N TYR B 553 -10.14 10.21 -17.59
CA TYR B 553 -11.13 10.80 -18.52
C TYR B 553 -11.81 9.66 -19.27
N ASN B 554 -13.14 9.61 -19.25
CA ASN B 554 -13.97 8.61 -19.99
C ASN B 554 -13.46 8.48 -21.43
N ASN B 555 -13.04 9.60 -22.06
CA ASN B 555 -12.57 9.65 -23.47
C ASN B 555 -11.10 9.21 -23.56
N HIS B 556 -10.47 8.75 -22.47
CA HIS B 556 -9.10 8.16 -22.48
C HIS B 556 -9.17 6.64 -22.31
N ILE B 557 -10.32 6.07 -21.97
CA ILE B 557 -10.42 4.64 -21.58
C ILE B 557 -10.03 3.70 -22.74
N ASP B 558 -10.43 3.93 -23.99
CA ASP B 558 -9.97 3.04 -25.10
C ASP B 558 -8.44 3.02 -25.08
N SER B 559 -7.80 4.17 -25.17
CA SER B 559 -6.31 4.27 -25.24
C SER B 559 -5.64 3.53 -24.07
N LEU B 560 -6.19 3.66 -22.87
CA LEU B 560 -5.58 3.10 -21.63
C LEU B 560 -5.79 1.57 -21.60
N LYS B 561 -6.82 1.09 -22.30
CA LYS B 561 -7.09 -0.37 -22.49
C LYS B 561 -5.96 -0.92 -23.35
N ILE B 562 -5.68 -0.26 -24.47
CA ILE B 562 -4.54 -0.62 -25.37
C ILE B 562 -3.27 -0.63 -24.52
N GLN B 563 -3.09 0.35 -23.64
CA GLN B 563 -1.83 0.58 -22.86
C GLN B 563 -1.67 -0.51 -21.79
N LEU B 564 -2.74 -0.87 -21.07
CA LEU B 564 -2.61 -1.82 -19.94
C LEU B 564 -2.12 -3.19 -20.41
N ASN B 565 -2.40 -3.55 -21.66
CA ASN B 565 -2.09 -4.88 -22.26
C ASN B 565 -0.77 -4.81 -23.02
N ARG B 566 -0.01 -3.72 -22.85
CA ARG B 566 1.43 -3.68 -23.16
C ARG B 566 2.22 -4.00 -21.88
N ILE B 567 3.40 -4.58 -22.10
CA ILE B 567 4.35 -5.06 -21.06
C ILE B 567 5.51 -4.06 -21.05
N PRO B 568 5.79 -3.42 -19.91
CA PRO B 568 6.89 -2.45 -19.86
C PRO B 568 8.22 -3.07 -20.28
N TYR B 569 9.08 -2.24 -20.88
CA TYR B 569 10.54 -2.46 -21.05
C TYR B 569 11.27 -1.92 -19.84
N PRO B 570 12.52 -2.36 -19.61
CA PRO B 570 13.36 -1.73 -18.59
C PRO B 570 13.51 -0.24 -18.93
N PHE B 571 13.50 0.56 -17.87
CA PHE B 571 13.49 2.05 -17.89
C PHE B 571 14.84 2.56 -18.39
N PRO B 572 14.86 3.82 -18.86
CA PRO B 572 16.06 4.50 -19.27
C PRO B 572 16.70 5.09 -18.02
N THR B 573 17.69 5.96 -18.21
CA THR B 573 18.45 6.64 -17.13
C THR B 573 18.57 8.12 -17.51
N LEU B 574 18.72 8.98 -16.49
CA LEU B 574 18.96 10.44 -16.62
C LEU B 574 20.42 10.73 -16.30
N LYS B 575 21.13 11.31 -17.25
CA LYS B 575 22.48 11.88 -17.02
C LYS B 575 22.35 13.40 -17.03
N LEU B 576 22.62 14.02 -15.88
CA LEU B 576 22.86 15.49 -15.76
C LEU B 576 24.35 15.81 -15.97
N ASN B 577 24.58 16.89 -16.73
CA ASN B 577 25.91 17.52 -16.86
C ASN B 577 26.46 17.74 -15.45
N PRO B 578 27.53 17.04 -15.03
CA PRO B 578 27.99 17.11 -13.63
C PRO B 578 28.56 18.46 -13.20
N ASP B 579 28.95 19.31 -14.16
CA ASP B 579 29.63 20.60 -13.85
C ASP B 579 28.67 21.54 -13.12
N ILE B 580 27.37 21.38 -13.37
CA ILE B 580 26.28 22.24 -12.83
C ILE B 580 26.22 22.03 -11.32
N LYS B 581 26.38 23.09 -10.53
CA LYS B 581 26.48 22.97 -9.05
C LYS B 581 25.59 23.96 -8.30
N ASN B 582 24.89 24.87 -9.00
CA ASN B 582 23.81 25.73 -8.43
C ASN B 582 22.54 25.47 -9.24
N ILE B 583 21.38 25.48 -8.58
CA ILE B 583 20.06 25.10 -9.20
C ILE B 583 19.70 26.01 -10.38
N GLU B 584 20.29 27.22 -10.45
CA GLU B 584 19.90 28.24 -11.46
C GLU B 584 20.72 28.09 -12.75
N ASP B 585 21.64 27.11 -12.87
CA ASP B 585 22.68 27.05 -13.96
C ASP B 585 22.38 25.91 -14.96
N PHE B 586 21.30 25.16 -14.78
CA PHE B 586 20.89 24.11 -15.75
C PHE B 586 20.29 24.78 -17.01
N THR B 587 20.81 24.40 -18.17
CA THR B 587 20.21 24.70 -19.49
C THR B 587 19.71 23.39 -20.08
N ILE B 588 18.99 23.45 -21.20
CA ILE B 588 18.32 22.28 -21.83
C ILE B 588 19.36 21.24 -22.26
N SER B 589 20.60 21.69 -22.51
CA SER B 589 21.73 20.87 -22.99
C SER B 589 22.19 19.92 -21.87
N ASP B 590 21.98 20.29 -20.60
CA ASP B 590 22.57 19.61 -19.42
C ASP B 590 21.78 18.35 -19.04
N PHE B 591 20.85 17.92 -19.90
CA PHE B 591 19.88 16.82 -19.62
C PHE B 591 19.95 15.77 -20.72
N THR B 592 20.36 14.55 -20.42
CA THR B 592 20.31 13.47 -21.43
C THR B 592 19.47 12.33 -20.86
N ILE B 593 18.60 11.79 -21.69
CA ILE B 593 17.87 10.53 -21.40
C ILE B 593 18.58 9.44 -22.19
N GLN B 594 18.87 8.31 -21.56
CA GLN B 594 19.65 7.22 -22.19
C GLN B 594 18.85 5.92 -22.18
N ASN B 595 18.93 5.17 -23.27
CA ASN B 595 18.35 3.80 -23.38
C ASN B 595 16.84 3.85 -23.14
N TYR B 596 16.16 4.90 -23.61
CA TYR B 596 14.68 4.94 -23.59
C TYR B 596 14.21 4.00 -24.70
N VAL B 597 13.89 2.76 -24.29
CA VAL B 597 13.21 1.68 -25.05
C VAL B 597 11.74 1.74 -24.65
N HIS B 598 10.86 1.98 -25.62
CA HIS B 598 9.44 2.37 -25.44
C HIS B 598 8.56 1.70 -26.49
N HIS B 599 7.31 1.42 -26.13
CA HIS B 599 6.22 1.13 -27.09
C HIS B 599 5.88 2.40 -27.90
N GLU B 600 5.05 2.26 -28.94
CA GLU B 600 4.77 3.36 -29.90
C GLU B 600 3.82 4.36 -29.24
N LYS B 601 3.72 5.55 -29.83
CA LYS B 601 2.89 6.69 -29.36
C LYS B 601 1.42 6.25 -29.32
N ILE B 602 0.67 6.75 -28.34
CA ILE B 602 -0.81 6.65 -28.27
C ILE B 602 -1.38 8.07 -28.18
N SER B 603 -2.34 8.38 -29.05
CA SER B 603 -3.26 9.54 -28.93
C SER B 603 -4.28 9.16 -27.87
N MET B 604 -4.17 9.73 -26.67
CA MET B 604 -5.04 9.36 -25.52
C MET B 604 -6.50 9.61 -25.91
N ASP B 605 -6.72 10.68 -26.70
CA ASP B 605 -7.98 10.87 -27.46
C ASP B 605 -8.06 9.78 -28.56
P PO4 C . 9.41 19.65 13.81
O1 PO4 C . 9.38 18.12 13.61
O2 PO4 C . 10.06 20.00 15.15
O3 PO4 C . 8.01 20.20 13.78
O4 PO4 C . 10.22 20.30 12.69
CAI EA0 D . -25.35 -15.34 17.57
CAE EA0 D . -24.83 -16.14 16.39
CAJ EA0 D . -25.76 -16.00 15.19
NAD EA0 D . -23.52 -15.63 15.98
CAC EA0 D . -22.47 -16.41 16.05
NAH EA0 D . -21.30 -15.87 15.70
NAB EA0 D . -22.44 -17.72 16.42
CAA EA0 D . -23.56 -18.18 16.96
NAG EA0 D . -23.53 -19.29 17.67
NAF EA0 D . -24.74 -17.52 16.81
OAK EA0 D . -25.92 -18.14 17.16
CAL EA0 D . -26.37 -19.10 16.21
CAM EA0 D . -27.27 -20.10 16.91
OAV EA0 D . -26.82 -21.14 17.35
NAN EA0 D . -28.56 -19.74 17.02
CAO EA0 D . -29.41 -19.22 16.03
CAP EA0 D . -29.34 -19.64 14.71
CAQ EA0 D . -30.20 -19.11 13.77
CAR EA0 D . -31.14 -18.18 14.16
CL EA0 D . -32.26 -17.56 12.99
CAS EA0 D . -31.23 -17.76 15.47
CAT EA0 D . -30.37 -18.29 16.40
H1 EA0 D . -25.51 -15.93 18.32
H2 EA0 D . -26.20 -14.90 17.32
H3 EA0 D . -24.69 -14.65 17.81
H4 EA0 D . -26.10 -16.88 14.93
H5 EA0 D . -25.26 -15.62 14.43
H6 EA0 D . -26.51 -15.41 15.41
H7 EA0 D . -20.58 -16.36 15.73
H8 EA0 D . -21.27 -15.03 15.45
H9 EA0 D . -24.27 -19.58 18.04
H10 EA0 D . -22.78 -19.72 17.78
H11 EA0 D . -25.61 -19.57 15.82
H12 EA0 D . -26.87 -18.65 15.49
H13 EA0 D . -28.91 -19.83 17.81
H14 EA0 D . -28.71 -20.29 14.45
H15 EA0 D . -30.17 -19.40 12.87
H16 EA0 D . -31.91 -17.15 15.72
H17 EA0 D . -30.43 -18.01 17.29
PA NDP E . -27.99 -24.63 25.87
O1A NDP E . -28.46 -24.01 24.58
O2A NDP E . -26.54 -24.94 26.07
O5B NDP E . -28.88 -25.92 26.19
C5B NDP E . -28.53 -26.81 27.28
C4B NDP E . -29.46 -27.99 27.23
O4B NDP E . -29.05 -28.87 26.16
C3B NDP E . -29.52 -28.88 28.48
O3B NDP E . -30.45 -28.37 29.42
C2B NDP E . -29.96 -30.20 27.85
O2B NDP E . -31.26 -30.15 27.31
C1B NDP E . -29.08 -30.20 26.61
N9A NDP E . -27.73 -30.68 26.85
C8A NDP E . -26.58 -29.93 26.92
N7A NDP E . -25.50 -30.66 27.11
C5A NDP E . -25.97 -31.97 27.16
C6A NDP E . -25.32 -33.20 27.32
N6A NDP E . -24.00 -33.35 27.47
N1A NDP E . -26.10 -34.31 27.31
C2A NDP E . -27.42 -34.17 27.15
N3A NDP E . -28.14 -33.06 26.99
C4A NDP E . -27.35 -31.98 27.00
O3 NDP E . -28.44 -23.75 27.10
PN NDP E . -28.05 -22.31 27.65
O1N NDP E . -26.71 -22.45 28.29
O2N NDP E . -29.26 -21.83 28.42
O5D NDP E . -27.91 -21.43 26.30
C5D NDP E . -29.07 -20.89 25.57
C4D NDP E . -28.96 -19.38 25.49
O4D NDP E . -27.72 -19.00 24.84
C3D NDP E . -30.07 -18.65 24.67
O3D NDP E . -30.38 -17.38 25.20
C2D NDP E . -29.42 -18.55 23.29
O2D NDP E . -30.06 -17.58 22.47
C1D NDP E . -27.99 -18.19 23.72
N1N NDP E . -26.97 -18.48 22.66
C2N NDP E . -26.26 -17.44 22.11
C3N NDP E . -25.16 -17.64 21.32
C7N NDP E . -24.17 -16.53 21.15
O7N NDP E . -23.11 -16.76 20.54
N7N NDP E . -24.42 -15.34 21.70
C4N NDP E . -25.02 -18.98 20.68
C5N NDP E . -25.96 -20.00 21.21
C6N NDP E . -26.76 -19.75 22.21
P2B NDP E . -32.40 -30.79 28.24
O1X NDP E . -31.83 -31.98 29.03
O2X NDP E . -32.92 -29.67 29.11
O3X NDP E . -33.43 -31.20 27.19
H51A NDP E . -27.50 -27.16 27.18
H52A NDP E . -28.64 -26.30 28.24
H4B NDP E . -30.46 -27.57 27.05
H3B NDP E . -28.55 -29.03 28.95
HO3A NDP E . -30.12 -27.53 29.78
H2B NDP E . -29.92 -30.94 28.65
H1B NDP E . -29.54 -30.87 25.87
H8A NDP E . -26.61 -28.86 26.83
H61A NDP E . -23.44 -32.58 27.49
H2A NDP E . -27.91 -35.14 27.16
H51N NDP E . -29.98 -21.15 26.11
H52N NDP E . -29.08 -21.30 24.56
H4D NDP E . -29.03 -18.96 26.51
H3D NDP E . -30.96 -19.30 24.68
HO3N NDP E . -31.07 -16.96 24.66
H2D NDP E . -29.51 -19.53 22.79
HO2N NDP E . -29.62 -17.55 21.61
H1D NDP E . -27.96 -17.13 23.97
H2N NDP E . -26.58 -16.41 22.30
H71N NDP E . -23.78 -14.63 21.59
H41N NDP E . -25.25 -18.80 19.63
H42N NDP E . -24.00 -19.35 20.76
H5N NDP E . -25.96 -20.97 20.74
H6N NDP E . -27.27 -20.58 22.69
P PO4 F . -8.67 21.32 -11.79
O1 PO4 F . -9.45 21.79 -10.55
O2 PO4 F . -8.42 19.81 -11.74
O3 PO4 F . -7.33 22.04 -11.88
O4 PO4 F . -9.51 21.67 -13.02
CAI EA0 G . 24.67 -14.09 -19.63
CAE EA0 G . 24.34 -14.94 -18.40
CAJ EA0 G . 25.41 -14.79 -17.31
NAD EA0 G . 23.06 -14.48 -17.85
CAC EA0 G . 22.04 -15.32 -17.73
NAH EA0 G . 20.90 -14.83 -17.31
NAB EA0 G . 22.07 -16.64 -18.03
CAA EA0 G . 23.05 -17.00 -18.85
NAG EA0 G . 22.87 -18.01 -19.70
NAF EA0 G . 24.23 -16.35 -18.84
OAK EA0 G . 25.33 -16.99 -19.33
CAL EA0 G . 25.93 -17.93 -18.38
CAM EA0 G . 26.68 -19.02 -19.11
OAV EA0 G . 26.08 -19.97 -19.58
NAN EA0 G . 28.01 -18.84 -19.20
CAO EA0 G . 28.91 -18.36 -18.21
CAP EA0 G . 28.98 -18.95 -16.96
CAQ EA0 G . 29.87 -18.47 -16.01
CAR EA0 G . 30.69 -17.40 -16.34
CL EA0 G . 31.80 -16.77 -15.15
CAS EA0 G . 30.62 -16.81 -17.58
CAT EA0 G . 29.73 -17.29 -18.52
H1 EA0 G . 24.72 -14.67 -20.41
H2 EA0 G . 25.54 -13.64 -19.48
H3 EA0 G . 23.98 -13.43 -19.75
H4 EA0 G . 25.81 -15.66 -17.12
H5 EA0 G . 25.00 -14.43 -16.50
H6 EA0 G . 26.11 -14.17 -17.63
H7 EA0 G . 20.21 -15.36 -17.24
H8 EA0 G . 20.84 -13.99 -17.11
H9 EA0 G . 23.52 -18.24 -20.25
H10 EA0 G . 22.11 -18.45 -19.72
H11 EA0 G . 25.21 -18.34 -17.84
H12 EA0 G . 26.54 -17.46 -17.79
H13 EA0 G . 28.37 -19.04 -19.97
H14 EA0 G . 28.42 -19.67 -16.74
H15 EA0 G . 29.92 -18.86 -15.15
H16 EA0 G . 31.17 -16.07 -17.78
H17 EA0 G . 29.68 -16.89 -19.36
PA NDP H . 27.60 -22.27 -28.65
O1A NDP H . 27.58 -22.04 -27.18
O2A NDP H . 26.32 -22.51 -29.39
O5B NDP H . 28.63 -23.46 -28.93
C5B NDP H . 28.61 -24.16 -30.18
C4B NDP H . 29.37 -25.45 -29.98
O4B NDP H . 28.49 -26.43 -29.36
C3B NDP H . 29.89 -26.13 -31.25
O3B NDP H . 31.13 -25.58 -31.67
C2B NDP H . 29.98 -27.56 -30.76
O2B NDP H . 30.17 -28.43 -31.86
C1B NDP H . 28.65 -27.67 -30.00
N9A NDP H . 27.46 -27.92 -30.81
C8A NDP H . 26.81 -27.04 -31.64
N7A NDP H . 25.75 -27.54 -32.22
C5A NDP H . 25.67 -28.83 -31.73
C6A NDP H . 24.77 -29.88 -31.98
N6A NDP H . 23.72 -29.79 -32.79
N1A NDP H . 24.97 -31.06 -31.33
C2A NDP H . 26.02 -31.15 -30.51
N3A NDP H . 26.94 -30.23 -30.20
C4A NDP H . 26.71 -29.08 -30.85
O3 NDP H . 28.38 -21.06 -29.36
PN NDP H . 27.92 -19.91 -30.38
O1N NDP H . 26.58 -20.28 -30.93
O2N NDP H . 29.02 -19.61 -31.36
O5D NDP H . 27.78 -18.69 -29.35
C5D NDP H . 28.73 -18.60 -28.24
C4D NDP H . 28.65 -17.23 -27.61
O4D NDP H . 27.54 -17.22 -26.67
C3D NDP H . 29.87 -16.75 -26.81
O3D NDP H . 30.26 -15.44 -27.23
C2D NDP H . 29.38 -16.81 -25.37
O2D NDP H . 30.01 -15.88 -24.49
C1D NDP H . 27.90 -16.48 -25.54
N1N NDP H . 27.02 -16.91 -24.40
C2N NDP H . 25.67 -16.71 -24.49
C3N NDP H . 24.91 -16.82 -23.37
C7N NDP H . 23.92 -15.72 -23.03
O7N NDP H . 22.87 -16.01 -22.46
N7N NDP H . 24.21 -14.47 -23.34
C4N NDP H . 25.26 -17.97 -22.50
C5N NDP H . 26.73 -18.13 -22.42
C6N NDP H . 27.52 -17.47 -23.25
P2B NDP H . 31.78 -28.58 -32.13
O1X NDP H . 32.55 -27.30 -31.89
O2X NDP H . 32.23 -29.68 -31.20
O3X NDP H . 31.82 -28.98 -33.60
H51A NDP H . 27.59 -24.38 -30.48
H52A NDP H . 29.10 -23.57 -30.96
H4B NDP H . 30.22 -25.22 -29.34
H3B NDP H . 29.18 -26.10 -32.09
HO3A NDP H . 31.00 -24.67 -31.96
H1B NDP H . 28.73 -28.49 -29.28
H8A NDP H . 27.20 -26.03 -31.77
H61A NDP H . 23.55 -28.98 -33.27
H2A NDP H . 26.07 -32.14 -30.06
H51N NDP H . 29.74 -18.76 -28.62
H52N NDP H . 28.49 -19.36 -27.50
H4D NDP H . 28.50 -16.49 -28.41
H3D NDP H . 30.70 -17.45 -27.00
HO3N NDP H . 31.03 -15.16 -26.72
H2D NDP H . 29.55 -17.82 -24.98
HO2N NDP H . 29.65 -15.97 -23.60
H1D NDP H . 27.80 -15.40 -25.69
H2N NDP H . 25.21 -16.48 -25.44
H71N NDP H . 23.60 -13.77 -23.14
H41N NDP H . 24.86 -17.81 -21.50
H42N NDP H . 24.82 -18.88 -22.92
H5N NDP H . 27.15 -18.78 -21.67
H6N NDP H . 28.57 -17.37 -23.00
#